data_4JD7
#
_entry.id   4JD7
#
_cell.length_a   64.844
_cell.length_b   96.804
_cell.length_c   109.214
_cell.angle_alpha   90.000
_cell.angle_beta   90.000
_cell.angle_gamma   90.000
#
_symmetry.space_group_name_H-M   'P 21 21 21'
#
loop_
_entity.id
_entity.type
_entity.pdbx_description
1 polymer 'Proline racemase'
2 non-polymer 'SULFATE ION'
3 water water
#
_entity_poly.entity_id   1
_entity_poly.type   'polypeptide(L)'
_entity_poly.pdbx_seq_one_letter_code
;MHHHHHHSSGVDLGTENLYFQSMKQIHVIDSHTGGEPTRLVMKGFPQLHGRSMAEQRDELRELHDRWRRACLLEPRGNDV
LVGALYCPPVSADATCGVIFFNNAGYLNMCGHGTIGLVASLQHLGLIAPGVHKIDTPVGQVSATLHEDGAITVANVPSYR
YRQHVAVNVPGHGVVHGDIAWGGNWFFLVAEHGQRIELDNREVLTEYTWAMLKALEAQGITGENGAPIDHVELFADDPNA
DSRNFVMCPGKAYDRSPCGTGTSAKLACLAADGTLAEGQTWVQASITGSQFHGRYERDGERIRPFITGRAHMTADSTLLI
DEQDPFAWGI
;
_entity_poly.pdbx_strand_id   A,D
#
loop_
_chem_comp.id
_chem_comp.type
_chem_comp.name
_chem_comp.formula
SO4 non-polymer 'SULFATE ION' 'O4 S -2'
#
# COMPACT_ATOMS: atom_id res chain seq x y z
N ASN A 17 24.66 2.83 -4.05
CA ASN A 17 23.42 2.23 -3.49
C ASN A 17 23.47 0.70 -3.54
N LEU A 18 24.29 0.13 -4.41
CA LEU A 18 24.36 -1.33 -4.51
C LEU A 18 24.78 -1.91 -3.16
N TYR A 19 25.60 -1.19 -2.40
CA TYR A 19 26.10 -1.74 -1.15
C TYR A 19 24.99 -1.84 -0.13
N PHE A 20 24.26 -0.75 0.05
CA PHE A 20 23.16 -0.78 0.96
C PHE A 20 22.20 -1.92 0.58
N GLN A 21 22.30 -2.48 -0.63
CA GLN A 21 21.63 -3.78 -0.77
C GLN A 21 22.52 -5.00 -0.99
N SER A 22 23.74 -4.97 -0.50
CA SER A 22 24.39 -6.21 -0.12
C SER A 22 23.74 -6.69 1.18
N MET A 23 22.92 -5.83 1.78
CA MET A 23 22.44 -6.08 3.12
C MET A 23 20.98 -6.48 3.18
N LYS A 24 20.67 -7.41 4.08
CA LYS A 24 19.28 -7.70 4.36
C LYS A 24 18.66 -6.46 4.98
N GLN A 25 17.39 -6.21 4.68
CA GLN A 25 16.74 -5.00 5.15
C GLN A 25 15.44 -5.27 5.81
N ILE A 26 15.15 -4.53 6.88
CA ILE A 26 13.89 -4.62 7.59
C ILE A 26 13.29 -3.24 7.66
N HIS A 27 12.10 -3.06 7.12
CA HIS A 27 11.45 -1.76 7.18
C HIS A 27 10.61 -1.65 8.42
N VAL A 28 10.96 -0.68 9.27
CA VAL A 28 10.23 -0.46 10.51
C VAL A 28 9.75 0.98 10.64
N ILE A 29 8.65 1.14 11.36
CA ILE A 29 8.16 2.44 11.80
C ILE A 29 8.25 2.42 13.31
N ASP A 30 9.08 3.30 13.87
CA ASP A 30 9.20 3.45 15.30
C ASP A 30 8.26 4.57 15.74
N SER A 31 7.64 4.37 16.90
CA SER A 31 6.75 5.36 17.49
C SER A 31 6.92 5.23 19.01
N HIS A 32 6.26 6.11 19.75
CA HIS A 32 6.20 5.93 21.19
C HIS A 32 4.77 6.23 21.64
N THR A 33 4.37 5.56 22.71
CA THR A 33 3.07 5.74 23.32
C THR A 33 3.36 6.23 24.72
N GLY A 34 3.23 7.54 24.91
CA GLY A 34 3.49 8.14 26.21
C GLY A 34 4.92 7.93 26.69
N GLY A 35 5.85 7.70 25.77
CA GLY A 35 7.26 7.58 26.08
C GLY A 35 7.74 6.15 25.93
N GLU A 36 6.81 5.20 25.80
CA GLU A 36 7.15 3.79 25.76
C GLU A 36 7.14 3.39 24.29
N PRO A 37 8.31 3.00 23.72
CA PRO A 37 8.46 2.91 22.27
C PRO A 37 8.08 1.57 21.65
N THR A 38 7.56 1.65 20.43
CA THR A 38 7.14 0.51 19.64
C THR A 38 7.86 0.54 18.32
N ARG A 39 8.40 -0.61 17.93
CA ARG A 39 9.05 -0.80 16.64
C ARG A 39 8.17 -1.70 15.79
N LEU A 40 7.43 -1.12 14.85
CA LEU A 40 6.52 -1.84 14.00
C LEU A 40 7.23 -2.31 12.72
N VAL A 41 7.35 -3.63 12.57
CA VAL A 41 7.98 -4.22 11.40
C VAL A 41 6.97 -4.34 10.27
N MET A 42 7.16 -3.57 9.21
CA MET A 42 6.25 -3.58 8.07
C MET A 42 6.70 -4.50 6.93
N LYS A 43 7.99 -4.85 6.90
CA LYS A 43 8.50 -5.70 5.83
C LYS A 43 9.87 -6.20 6.22
N GLY A 44 10.19 -7.41 5.78
CA GLY A 44 11.54 -7.92 5.87
C GLY A 44 11.67 -9.18 6.71
N PHE A 45 10.66 -9.51 7.50
CA PHE A 45 10.67 -10.81 8.19
C PHE A 45 10.26 -11.91 7.22
N PRO A 46 10.61 -13.17 7.53
CA PRO A 46 10.28 -14.28 6.65
C PRO A 46 8.79 -14.51 6.47
N GLN A 47 8.43 -15.15 5.36
CA GLN A 47 7.04 -15.48 5.14
C GLN A 47 6.63 -16.52 6.16
N LEU A 48 5.49 -16.29 6.80
CA LEU A 48 4.94 -17.17 7.81
C LEU A 48 3.75 -17.92 7.20
N HIS A 49 3.68 -19.22 7.45
CA HIS A 49 2.63 -20.02 6.86
C HIS A 49 1.55 -20.37 7.87
N GLY A 50 1.71 -19.88 9.09
CA GLY A 50 0.74 -20.12 10.14
C GLY A 50 -0.61 -19.61 9.72
N ARG A 51 -1.65 -20.37 10.02
CA ARG A 51 -3.00 -19.99 9.65
C ARG A 51 -3.55 -19.02 10.68
N SER A 52 -2.99 -19.07 11.89
CA SER A 52 -3.44 -18.22 12.98
C SER A 52 -2.24 -17.46 13.52
N MET A 53 -2.50 -16.43 14.30
CA MET A 53 -1.41 -15.67 14.91
C MET A 53 -0.63 -16.49 15.94
N ALA A 54 -1.31 -17.39 16.63
CA ALA A 54 -0.63 -18.25 17.59
C ALA A 54 0.37 -19.15 16.87
N GLU A 55 -0.04 -19.73 15.75
CA GLU A 55 0.87 -20.55 14.98
C GLU A 55 2.03 -19.72 14.41
N GLN A 56 1.73 -18.50 13.93
CA GLN A 56 2.77 -17.62 13.36
C GLN A 56 3.77 -17.20 14.43
N ARG A 57 3.27 -16.92 15.63
N ARG A 57 3.26 -16.92 15.63
CA ARG A 57 4.12 -16.58 16.75
CA ARG A 57 4.13 -16.59 16.73
C ARG A 57 5.04 -17.75 17.08
C ARG A 57 5.05 -17.75 17.04
N ASP A 58 4.48 -18.95 17.09
CA ASP A 58 5.27 -20.15 17.30
C ASP A 58 6.30 -20.32 16.19
N GLU A 59 5.90 -20.04 14.95
CA GLU A 59 6.82 -20.12 13.82
C GLU A 59 8.01 -19.21 14.05
N LEU A 60 7.73 -17.96 14.44
CA LEU A 60 8.78 -16.98 14.66
C LEU A 60 9.76 -17.44 15.73
N ARG A 61 9.21 -17.84 16.87
CA ARG A 61 9.99 -18.27 18.02
C ARG A 61 10.87 -19.46 17.64
N GLU A 62 10.28 -20.43 16.93
CA GLU A 62 10.94 -21.70 16.64
C GLU A 62 11.81 -21.71 15.37
N LEU A 63 11.37 -21.03 14.33
CA LEU A 63 12.01 -21.14 13.01
C LEU A 63 12.74 -19.88 12.60
N HIS A 64 12.41 -18.75 13.22
CA HIS A 64 12.88 -17.49 12.71
C HIS A 64 13.26 -16.47 13.82
N ASP A 65 13.78 -16.93 14.96
CA ASP A 65 13.96 -16.02 16.09
C ASP A 65 15.05 -14.96 15.86
N ARG A 66 15.92 -15.17 14.89
CA ARG A 66 16.97 -14.19 14.62
C ARG A 66 16.43 -12.82 14.26
N TRP A 67 15.22 -12.79 13.69
CA TRP A 67 14.62 -11.53 13.25
C TRP A 67 14.21 -10.66 14.45
N ARG A 68 13.50 -11.23 15.42
CA ARG A 68 13.26 -10.53 16.68
C ARG A 68 14.57 -10.00 17.24
N ARG A 69 15.58 -10.86 17.31
CA ARG A 69 16.82 -10.49 17.96
C ARG A 69 17.57 -9.37 17.24
N ALA A 70 17.59 -9.39 15.91
CA ALA A 70 18.21 -8.30 15.17
C ALA A 70 17.55 -6.96 15.51
N CYS A 71 16.24 -7.00 15.73
CA CYS A 71 15.45 -5.78 15.97
C CYS A 71 15.49 -5.29 17.41
N LEU A 72 15.63 -6.20 18.35
CA LEU A 72 15.42 -5.87 19.79
C LEU A 72 16.68 -5.96 20.66
N LEU A 73 17.60 -6.85 20.33
CA LEU A 73 18.85 -6.88 21.09
C LEU A 73 19.66 -5.64 20.73
N GLU A 74 20.67 -5.33 21.54
CA GLU A 74 21.64 -4.33 21.11
C GLU A 74 22.32 -4.87 19.85
N PRO A 75 22.81 -3.98 18.95
CA PRO A 75 22.81 -2.52 19.08
C PRO A 75 21.56 -1.83 18.60
N ARG A 76 20.69 -2.50 17.85
CA ARG A 76 19.55 -1.80 17.25
C ARG A 76 18.44 -1.53 18.25
N GLY A 77 18.32 -2.40 19.25
CA GLY A 77 17.25 -2.29 20.23
C GLY A 77 17.75 -1.93 21.59
N ASN A 78 16.90 -2.03 22.60
CA ASN A 78 17.20 -1.64 23.97
C ASN A 78 16.17 -2.27 24.91
N ASP A 79 16.28 -2.05 26.21
CA ASP A 79 15.46 -2.75 27.17
C ASP A 79 14.01 -2.27 27.23
N VAL A 80 13.77 -1.05 26.77
CA VAL A 80 12.47 -0.43 26.85
C VAL A 80 11.60 -0.78 25.65
N LEU A 81 12.22 -1.14 24.55
CA LEU A 81 11.51 -1.31 23.28
C LEU A 81 10.63 -2.54 23.25
N VAL A 82 9.49 -2.43 22.59
CA VAL A 82 8.69 -3.58 22.18
C VAL A 82 8.59 -3.55 20.66
N GLY A 83 8.79 -4.70 20.05
CA GLY A 83 8.57 -4.83 18.62
C GLY A 83 7.23 -5.44 18.29
N ALA A 84 6.74 -5.16 17.09
CA ALA A 84 5.45 -5.64 16.65
C ALA A 84 5.59 -6.01 15.20
N LEU A 85 5.30 -7.27 14.84
CA LEU A 85 5.27 -7.68 13.45
C LEU A 85 3.90 -7.48 12.87
N TYR A 86 3.81 -6.63 11.86
CA TYR A 86 2.58 -6.48 11.09
C TYR A 86 2.33 -7.75 10.26
N CYS A 87 1.10 -8.26 10.35
CA CYS A 87 0.68 -9.43 9.57
C CYS A 87 -0.63 -9.13 8.85
N PRO A 88 -0.80 -9.69 7.63
CA PRO A 88 -2.12 -9.61 7.00
C PRO A 88 -3.13 -10.26 7.92
N PRO A 89 -4.38 -9.80 7.89
CA PRO A 89 -5.43 -10.29 8.78
C PRO A 89 -5.73 -11.78 8.55
N VAL A 90 -6.17 -12.46 9.60
CA VAL A 90 -6.56 -13.87 9.49
C VAL A 90 -7.99 -14.13 9.98
N SER A 91 -8.44 -13.44 11.02
CA SER A 91 -9.87 -13.40 11.35
C SER A 91 -10.55 -12.50 10.32
N ALA A 92 -11.74 -12.92 9.89
CA ALA A 92 -12.43 -12.32 8.74
C ALA A 92 -12.69 -10.83 8.98
N ASP A 93 -12.98 -10.54 10.24
CA ASP A 93 -13.29 -9.22 10.73
C ASP A 93 -12.14 -8.19 10.74
N ALA A 94 -10.90 -8.66 10.59
CA ALA A 94 -9.77 -7.90 11.11
C ALA A 94 -9.06 -7.01 10.11
N THR A 95 -8.51 -5.91 10.63
CA THR A 95 -7.69 -5.01 9.87
C THR A 95 -6.34 -5.65 9.60
N CYS A 96 -5.81 -6.31 10.62
CA CYS A 96 -4.53 -6.99 10.51
C CYS A 96 -4.33 -7.91 11.69
N GLY A 97 -3.20 -8.62 11.66
CA GLY A 97 -2.74 -9.36 12.81
C GLY A 97 -1.46 -8.72 13.32
N VAL A 98 -1.09 -9.05 14.55
CA VAL A 98 0.14 -8.51 15.10
C VAL A 98 0.73 -9.53 16.05
N ILE A 99 2.05 -9.56 16.10
CA ILE A 99 2.79 -10.37 17.05
C ILE A 99 3.79 -9.45 17.75
N PHE A 100 3.71 -9.37 19.07
CA PHE A 100 4.59 -8.52 19.86
C PHE A 100 5.74 -9.30 20.45
N PHE A 101 6.86 -8.61 20.65
CA PHE A 101 8.03 -9.23 21.25
C PHE A 101 8.95 -8.18 21.84
N ASN A 102 9.86 -8.61 22.69
CA ASN A 102 10.84 -7.70 23.25
C ASN A 102 12.21 -8.39 23.22
N ASN A 103 13.18 -7.84 23.94
CA ASN A 103 14.53 -8.41 23.87
C ASN A 103 14.70 -9.73 24.61
N ALA A 104 13.64 -10.23 25.23
CA ALA A 104 13.71 -11.50 25.95
C ALA A 104 12.91 -12.58 25.26
N GLY A 105 11.84 -12.21 24.57
CA GLY A 105 10.94 -13.22 24.03
C GLY A 105 9.69 -12.62 23.40
N TYR A 106 8.63 -13.42 23.34
CA TYR A 106 7.39 -13.00 22.73
C TYR A 106 6.35 -12.66 23.77
N LEU A 107 5.55 -11.65 23.48
CA LEU A 107 4.53 -11.22 24.40
C LEU A 107 3.26 -11.79 23.86
N ASN A 108 2.15 -11.60 24.57
CA ASN A 108 0.89 -11.94 23.99
C ASN A 108 0.18 -10.66 23.60
N MET A 109 -0.35 -9.94 24.58
CA MET A 109 -0.92 -8.63 24.30
C MET A 109 0.02 -7.54 24.71
N CYS A 110 -0.22 -6.36 24.16
CA CYS A 110 0.60 -5.20 24.49
C CYS A 110 -0.22 -3.96 24.19
N GLY A 111 -0.80 -3.34 25.21
CA GLY A 111 -1.68 -2.21 24.99
C GLY A 111 -0.97 -1.02 24.36
N HIS A 112 0.18 -0.63 24.91
CA HIS A 112 0.88 0.54 24.36
C HIS A 112 1.36 0.29 22.94
N GLY A 113 1.70 -0.97 22.66
CA GLY A 113 2.17 -1.37 21.35
C GLY A 113 1.02 -1.38 20.34
N THR A 114 -0.19 -1.67 20.82
CA THR A 114 -1.38 -1.67 19.98
C THR A 114 -1.74 -0.23 19.59
N ILE A 115 -1.63 0.68 20.55
CA ILE A 115 -1.79 2.08 20.24
C ILE A 115 -0.75 2.51 19.19
N GLY A 116 0.50 2.12 19.39
CA GLY A 116 1.53 2.37 18.38
C GLY A 116 1.20 1.82 16.99
N LEU A 117 0.77 0.57 16.96
CA LEU A 117 0.34 -0.08 15.73
C LEU A 117 -0.74 0.73 15.03
N VAL A 118 -1.81 1.05 15.73
CA VAL A 118 -2.94 1.68 15.09
C VAL A 118 -2.58 3.08 14.57
N ALA A 119 -1.85 3.83 15.38
CA ALA A 119 -1.43 5.17 14.95
C ALA A 119 -0.56 5.06 13.69
N SER A 120 0.36 4.10 13.72
CA SER A 120 1.26 3.90 12.59
C SER A 120 0.51 3.54 11.31
N LEU A 121 -0.44 2.61 11.42
CA LEU A 121 -1.23 2.19 10.28
C LEU A 121 -2.02 3.39 9.71
N GLN A 122 -2.47 4.29 10.57
CA GLN A 122 -3.20 5.46 10.11
C GLN A 122 -2.28 6.32 9.27
N HIS A 123 -1.09 6.57 9.78
CA HIS A 123 -0.15 7.45 9.07
C HIS A 123 0.40 6.83 7.79
N LEU A 124 0.46 5.51 7.74
CA LEU A 124 0.85 4.82 6.53
C LEU A 124 -0.26 4.79 5.48
N GLY A 125 -1.46 5.22 5.86
CA GLY A 125 -2.59 5.26 4.94
C GLY A 125 -3.38 3.96 4.85
N LEU A 126 -3.17 3.08 5.83
CA LEU A 126 -3.79 1.76 5.80
C LEU A 126 -5.16 1.73 6.46
N ILE A 127 -5.41 2.63 7.39
CA ILE A 127 -6.70 2.68 8.07
C ILE A 127 -7.18 4.10 8.31
N ALA A 128 -8.48 4.21 8.58
CA ALA A 128 -9.12 5.47 8.88
C ALA A 128 -9.79 5.37 10.24
N PRO A 129 -10.23 6.50 10.80
CA PRO A 129 -10.88 6.42 12.11
C PRO A 129 -12.04 5.45 12.12
N GLY A 130 -12.24 4.84 13.28
CA GLY A 130 -13.30 3.89 13.46
C GLY A 130 -12.84 2.75 14.33
N VAL A 131 -13.68 1.73 14.46
CA VAL A 131 -13.31 0.57 15.22
C VAL A 131 -12.54 -0.40 14.32
N HIS A 132 -11.43 -0.91 14.84
CA HIS A 132 -10.59 -1.86 14.11
C HIS A 132 -10.33 -3.07 14.97
N LYS A 133 -10.61 -4.24 14.40
CA LYS A 133 -10.31 -5.49 15.06
C LYS A 133 -8.92 -5.94 14.61
N ILE A 134 -8.15 -6.45 15.55
CA ILE A 134 -6.76 -6.84 15.33
C ILE A 134 -6.56 -8.26 15.87
N ASP A 135 -6.09 -9.15 14.99
CA ASP A 135 -5.83 -10.53 15.39
C ASP A 135 -4.53 -10.62 16.18
N THR A 136 -4.55 -11.32 17.30
CA THR A 136 -3.35 -11.55 18.11
C THR A 136 -3.22 -13.03 18.46
N PRO A 137 -2.07 -13.42 19.05
CA PRO A 137 -1.87 -14.83 19.38
C PRO A 137 -2.78 -15.37 20.46
N VAL A 138 -3.52 -14.49 21.11
CA VAL A 138 -4.47 -14.93 22.13
C VAL A 138 -5.87 -14.43 21.82
N GLY A 139 -6.13 -14.20 20.54
CA GLY A 139 -7.45 -13.85 20.09
C GLY A 139 -7.49 -12.35 19.90
N GLN A 140 -8.64 -11.73 20.08
CA GLN A 140 -8.67 -10.34 19.69
C GLN A 140 -8.52 -9.31 20.78
N VAL A 141 -8.07 -8.18 20.29
CA VAL A 141 -8.01 -6.94 21.01
C VAL A 141 -8.77 -5.95 20.13
N SER A 142 -9.74 -5.25 20.72
CA SER A 142 -10.50 -4.25 19.96
C SER A 142 -9.97 -2.85 20.23
N ALA A 143 -9.74 -2.08 19.15
CA ALA A 143 -9.19 -0.72 19.27
C ALA A 143 -9.95 0.31 18.46
N THR A 144 -10.29 1.41 19.12
CA THR A 144 -10.99 2.47 18.44
C THR A 144 -10.07 3.63 18.13
N LEU A 145 -9.91 3.93 16.85
CA LEU A 145 -9.22 5.12 16.38
C LEU A 145 -10.22 6.25 16.29
N HIS A 146 -10.08 7.22 17.19
CA HIS A 146 -10.94 8.38 17.24
C HIS A 146 -10.57 9.36 16.13
N GLU A 147 -11.52 10.23 15.77
CA GLU A 147 -11.27 11.23 14.73
C GLU A 147 -10.09 12.15 15.07
N ASP A 148 -9.89 12.41 16.36
CA ASP A 148 -8.80 13.28 16.78
C ASP A 148 -7.45 12.55 16.91
N GLY A 149 -7.41 11.27 16.55
CA GLY A 149 -6.17 10.52 16.54
C GLY A 149 -5.89 9.67 17.76
N ALA A 150 -6.59 9.94 18.86
CA ALA A 150 -6.40 9.15 20.06
C ALA A 150 -6.98 7.76 19.83
N ILE A 151 -6.49 6.80 20.59
CA ILE A 151 -6.81 5.40 20.39
C ILE A 151 -7.19 4.76 21.71
N THR A 152 -8.36 4.13 21.74
CA THR A 152 -8.82 3.44 22.93
C THR A 152 -8.67 1.94 22.75
N VAL A 153 -7.96 1.30 23.68
CA VAL A 153 -7.82 -0.14 23.75
C VAL A 153 -8.62 -0.74 24.88
N ALA A 154 -9.20 -1.93 24.67
CA ALA A 154 -9.94 -2.63 25.72
C ALA A 154 -8.98 -3.57 26.43
N ASN A 155 -8.76 -3.34 27.71
CA ASN A 155 -7.85 -4.15 28.50
C ASN A 155 -8.60 -5.41 28.95
N VAL A 156 -7.85 -6.43 29.36
CA VAL A 156 -8.48 -7.64 29.90
C VAL A 156 -9.25 -7.33 31.17
N PRO A 157 -10.22 -8.16 31.53
CA PRO A 157 -11.00 -7.86 32.73
C PRO A 157 -10.08 -7.73 33.93
N SER A 158 -10.39 -6.77 34.80
CA SER A 158 -9.52 -6.42 35.93
C SER A 158 -10.31 -6.43 37.22
N TYR A 159 -9.63 -6.60 38.36
CA TYR A 159 -10.32 -6.65 39.64
C TYR A 159 -9.36 -6.45 40.79
N ARG A 160 -9.87 -5.98 41.92
CA ARG A 160 -9.09 -5.94 43.14
C ARG A 160 -9.27 -7.23 43.92
N TYR A 161 -8.14 -7.81 44.32
CA TYR A 161 -8.09 -9.02 45.10
C TYR A 161 -8.10 -8.74 46.61
N ARG A 162 -7.24 -7.83 47.05
CA ARG A 162 -7.21 -7.45 48.46
C ARG A 162 -7.00 -5.96 48.60
N GLN A 163 -7.38 -5.45 49.76
CA GLN A 163 -7.40 -4.02 50.00
C GLN A 163 -6.57 -3.66 51.23
N HIS A 164 -5.78 -2.60 51.12
CA HIS A 164 -5.10 -2.03 52.29
C HIS A 164 -4.25 -3.06 53.03
N VAL A 165 -3.42 -3.76 52.27
CA VAL A 165 -2.55 -4.79 52.80
C VAL A 165 -1.22 -4.19 53.24
N ALA A 166 -0.80 -4.54 54.46
CA ALA A 166 0.46 -4.04 55.01
C ALA A 166 1.66 -4.83 54.52
N VAL A 167 2.71 -4.10 54.16
CA VAL A 167 4.04 -4.67 53.94
C VAL A 167 5.11 -3.82 54.63
N ASN A 168 6.01 -4.48 55.37
N ASN A 168 6.05 -4.48 55.31
CA ASN A 168 7.15 -3.80 55.99
CA ASN A 168 7.12 -3.77 55.96
C ASN A 168 8.30 -3.68 54.99
C ASN A 168 8.37 -3.68 55.09
N VAL A 169 8.67 -2.46 54.64
CA VAL A 169 9.82 -2.23 53.76
C VAL A 169 10.93 -1.55 54.56
N PRO A 170 12.01 -2.27 54.82
CA PRO A 170 13.06 -1.70 55.68
C PRO A 170 13.46 -0.29 55.23
N GLY A 171 13.49 0.65 56.17
CA GLY A 171 13.77 2.04 55.84
C GLY A 171 12.49 2.86 55.74
N HIS A 172 11.34 2.18 55.71
CA HIS A 172 10.06 2.85 55.54
C HIS A 172 8.98 2.37 56.51
N GLY A 173 9.25 1.33 57.28
CA GLY A 173 8.23 0.74 58.13
C GLY A 173 7.12 0.23 57.24
N VAL A 174 5.89 0.27 57.74
CA VAL A 174 4.78 -0.37 57.07
C VAL A 174 4.19 0.56 56.01
N VAL A 175 3.97 0.01 54.83
CA VAL A 175 3.28 0.68 53.76
C VAL A 175 2.05 -0.16 53.50
N HIS A 176 0.94 0.46 53.09
CA HIS A 176 -0.25 -0.30 52.72
C HIS A 176 -0.51 -0.14 51.23
N GLY A 177 -0.99 -1.22 50.61
CA GLY A 177 -1.32 -1.15 49.20
C GLY A 177 -2.50 -2.06 48.87
N ASP A 178 -3.14 -1.82 47.74
CA ASP A 178 -4.14 -2.74 47.23
C ASP A 178 -3.44 -3.74 46.31
N ILE A 179 -4.01 -4.93 46.21
CA ILE A 179 -3.48 -5.98 45.33
C ILE A 179 -4.51 -6.20 44.25
N ALA A 180 -4.14 -5.95 43.00
CA ALA A 180 -5.12 -5.99 41.92
C ALA A 180 -4.53 -6.54 40.66
N TRP A 181 -5.40 -7.14 39.85
CA TRP A 181 -5.06 -7.72 38.57
C TRP A 181 -5.55 -6.84 37.44
N GLY A 182 -4.65 -6.48 36.53
CA GLY A 182 -5.02 -5.79 35.32
C GLY A 182 -4.43 -6.42 34.09
N GLY A 183 -4.10 -7.70 34.18
CA GLY A 183 -3.30 -8.36 33.15
C GLY A 183 -1.94 -8.72 33.69
N ASN A 184 -1.57 -8.08 34.80
CA ASN A 184 -0.46 -8.48 35.64
C ASN A 184 -0.91 -8.20 37.06
N TRP A 185 -0.20 -8.76 38.03
CA TRP A 185 -0.47 -8.46 39.44
C TRP A 185 0.31 -7.25 39.90
N PHE A 186 -0.42 -6.26 40.43
CA PHE A 186 0.14 -5.03 40.95
C PHE A 186 -0.15 -4.86 42.41
N PHE A 187 0.79 -4.21 43.09
CA PHE A 187 0.58 -3.68 44.43
C PHE A 187 0.50 -2.18 44.23
N LEU A 188 -0.60 -1.59 44.64
CA LEU A 188 -0.88 -0.16 44.37
C LEU A 188 -0.83 0.63 45.67
N VAL A 189 0.07 1.61 45.74
CA VAL A 189 0.30 2.40 46.96
C VAL A 189 0.01 3.87 46.72
N ALA A 190 -0.77 4.47 47.62
CA ALA A 190 -0.95 5.92 47.64
C ALA A 190 0.24 6.47 48.38
N GLU A 191 1.18 7.02 47.62
CA GLU A 191 2.49 7.31 48.16
C GLU A 191 2.57 8.78 48.56
N HIS A 192 2.80 9.02 49.84
CA HIS A 192 2.89 10.38 50.38
C HIS A 192 4.29 10.71 50.88
N GLY A 193 5.12 9.69 51.04
CA GLY A 193 6.47 9.88 51.54
C GLY A 193 7.53 10.06 50.48
N GLN A 194 7.28 9.53 49.27
CA GLN A 194 8.24 9.60 48.18
C GLN A 194 7.81 10.63 47.13
N ARG A 195 8.79 11.32 46.56
CA ARG A 195 8.55 12.33 45.53
C ARG A 195 8.41 11.62 44.17
N ILE A 196 7.23 11.71 43.56
CA ILE A 196 6.99 11.02 42.29
C ILE A 196 7.40 11.95 41.16
N GLU A 197 8.71 11.98 40.90
CA GLU A 197 9.32 12.84 39.91
C GLU A 197 10.40 12.07 39.15
N LEU A 198 10.52 12.33 37.86
CA LEU A 198 11.47 11.59 37.03
C LEU A 198 12.91 11.76 37.51
N ASP A 199 13.25 12.93 38.05
CA ASP A 199 14.62 13.08 38.49
C ASP A 199 14.91 12.35 39.80
N ASN A 200 13.88 11.74 40.37
CA ASN A 200 14.01 10.94 41.58
C ASN A 200 13.86 9.46 41.24
N ARG A 201 13.96 9.12 39.96
CA ARG A 201 13.72 7.73 39.55
C ARG A 201 14.67 6.68 40.18
N GLU A 202 15.90 7.07 40.49
CA GLU A 202 16.84 6.15 41.13
C GLU A 202 16.32 5.71 42.48
N VAL A 203 15.99 6.69 43.30
CA VAL A 203 15.44 6.43 44.63
C VAL A 203 14.13 5.65 44.57
N LEU A 204 13.27 5.99 43.62
CA LEU A 204 11.99 5.30 43.50
C LEU A 204 12.18 3.87 43.05
N THR A 205 13.17 3.66 42.19
CA THR A 205 13.50 2.32 41.75
C THR A 205 13.98 1.49 42.94
N GLU A 206 14.88 2.03 43.75
CA GLU A 206 15.36 1.21 44.86
C GLU A 206 14.23 0.90 45.86
N TYR A 207 13.35 1.87 46.08
CA TYR A 207 12.24 1.69 47.00
C TYR A 207 11.25 0.65 46.53
N THR A 208 10.83 0.76 45.28
CA THR A 208 9.84 -0.16 44.75
C THR A 208 10.43 -1.56 44.56
N TRP A 209 11.70 -1.65 44.22
CA TRP A 209 12.33 -2.95 44.09
C TRP A 209 12.43 -3.62 45.48
N ALA A 210 12.80 -2.85 46.50
CA ALA A 210 12.79 -3.38 47.87
C ALA A 210 11.38 -3.82 48.27
N MET A 211 10.39 -3.05 47.85
CA MET A 211 9.01 -3.34 48.19
C MET A 211 8.61 -4.68 47.57
N LEU A 212 9.00 -4.92 46.31
CA LEU A 212 8.66 -6.18 45.66
C LEU A 212 9.30 -7.34 46.43
N LYS A 213 10.56 -7.17 46.86
CA LYS A 213 11.25 -8.21 47.62
C LYS A 213 10.55 -8.45 48.95
N ALA A 214 10.10 -7.37 49.59
CA ALA A 214 9.43 -7.50 50.88
C ALA A 214 8.07 -8.21 50.77
N LEU A 215 7.30 -7.89 49.74
CA LEU A 215 6.04 -8.57 49.49
C LEU A 215 6.28 -10.07 49.38
N GLU A 216 7.29 -10.41 48.59
CA GLU A 216 7.60 -11.82 48.39
C GLU A 216 7.97 -12.47 49.72
N ALA A 217 8.87 -11.81 50.45
CA ALA A 217 9.40 -12.38 51.69
C ALA A 217 8.30 -12.54 52.74
N GLN A 218 7.33 -11.63 52.72
CA GLN A 218 6.27 -11.62 53.71
C GLN A 218 5.01 -12.36 53.24
N GLY A 219 5.10 -13.06 52.11
CA GLY A 219 4.03 -13.94 51.65
C GLY A 219 2.82 -13.21 51.11
N ILE A 220 3.03 -12.00 50.61
CA ILE A 220 1.96 -11.19 50.06
C ILE A 220 1.89 -11.43 48.56
N THR A 221 0.79 -12.06 48.12
CA THR A 221 0.66 -12.50 46.74
C THR A 221 -0.66 -12.05 46.13
N GLY A 222 -0.80 -12.32 44.84
CA GLY A 222 -2.09 -12.26 44.18
C GLY A 222 -2.86 -13.54 44.50
N GLU A 223 -3.97 -13.71 43.79
CA GLU A 223 -4.80 -14.89 43.95
C GLU A 223 -4.01 -16.16 43.69
N ASN A 224 -4.34 -17.20 44.45
CA ASN A 224 -3.72 -18.51 44.29
C ASN A 224 -2.21 -18.43 44.36
N GLY A 225 -1.73 -17.55 45.22
CA GLY A 225 -0.30 -17.46 45.48
C GLY A 225 0.52 -16.85 44.34
N ALA A 226 -0.13 -16.20 43.38
CA ALA A 226 0.60 -15.62 42.25
C ALA A 226 1.52 -14.51 42.72
N PRO A 227 2.77 -14.51 42.25
CA PRO A 227 3.69 -13.46 42.69
C PRO A 227 3.24 -12.09 42.20
N ILE A 228 3.39 -11.07 43.06
CA ILE A 228 3.18 -9.71 42.62
C ILE A 228 4.51 -9.25 42.03
N ASP A 229 4.52 -8.91 40.75
CA ASP A 229 5.76 -8.50 40.08
C ASP A 229 5.79 -7.08 39.57
N HIS A 230 4.76 -6.31 39.86
CA HIS A 230 4.71 -4.87 39.56
C HIS A 230 4.28 -4.11 40.81
N VAL A 231 4.86 -2.93 41.00
CA VAL A 231 4.40 -1.99 42.02
C VAL A 231 4.11 -0.69 41.33
N GLU A 232 3.02 -0.04 41.72
CA GLU A 232 2.79 1.32 41.24
C GLU A 232 2.49 2.23 42.41
N LEU A 233 3.13 3.38 42.39
CA LEU A 233 2.97 4.43 43.39
C LEU A 233 2.14 5.53 42.77
N PHE A 234 1.26 6.13 43.55
CA PHE A 234 0.32 7.17 43.06
C PHE A 234 0.43 8.43 43.90
N ALA A 235 0.39 9.58 43.25
CA ALA A 235 0.38 10.86 43.95
C ALA A 235 -0.52 11.83 43.22
N ASP A 236 -0.89 12.91 43.92
CA ASP A 236 -1.63 14.00 43.29
C ASP A 236 -0.83 14.67 42.17
N ASP A 237 -1.58 15.29 41.27
CA ASP A 237 -1.01 15.97 40.11
C ASP A 237 -1.89 17.16 39.78
N PRO A 238 -1.29 18.32 39.41
CA PRO A 238 -2.11 19.51 39.15
C PRO A 238 -2.81 19.55 37.80
N ASN A 239 -2.61 18.53 36.97
CA ASN A 239 -3.23 18.48 35.67
C ASN A 239 -3.67 17.06 35.30
N ALA A 240 -3.99 16.26 36.33
CA ALA A 240 -4.50 14.89 36.15
C ALA A 240 -5.11 14.45 37.45
N ASP A 241 -5.79 13.32 37.44
CA ASP A 241 -6.33 12.77 38.65
C ASP A 241 -5.23 12.21 39.55
N SER A 242 -4.13 11.80 38.93
CA SER A 242 -3.03 11.19 39.64
C SER A 242 -1.83 11.13 38.73
N ARG A 243 -0.65 10.95 39.34
CA ARG A 243 0.59 10.68 38.61
C ARG A 243 1.19 9.44 39.23
N ASN A 244 1.80 8.58 38.41
CA ASN A 244 2.36 7.35 38.96
C ASN A 244 3.83 7.08 38.65
N PHE A 245 4.36 6.11 39.37
CA PHE A 245 5.64 5.49 39.09
C PHE A 245 5.36 4.00 39.10
N VAL A 246 5.74 3.33 38.03
CA VAL A 246 5.41 1.93 37.80
C VAL A 246 6.69 1.12 37.62
N MET A 247 6.94 0.24 38.58
CA MET A 247 8.07 -0.67 38.57
C MET A 247 7.65 -2.01 38.06
N CYS A 248 8.42 -2.51 37.09
CA CYS A 248 8.11 -3.71 36.34
C CYS A 248 9.24 -4.71 36.44
N PRO A 249 8.97 -5.96 36.02
CA PRO A 249 10.04 -6.95 36.00
C PRO A 249 11.31 -6.46 35.31
N GLY A 250 12.44 -6.88 35.85
CA GLY A 250 13.75 -6.49 35.34
C GLY A 250 14.20 -5.15 35.90
N LYS A 251 13.53 -4.71 36.96
CA LYS A 251 13.88 -3.45 37.61
C LYS A 251 13.76 -2.29 36.63
N ALA A 252 12.71 -2.32 35.84
CA ALA A 252 12.48 -1.32 34.81
C ALA A 252 11.27 -0.48 35.14
N TYR A 253 11.33 0.82 34.89
CA TYR A 253 10.15 1.66 35.05
C TYR A 253 9.43 1.90 33.73
N ASP A 254 8.11 2.01 33.79
CA ASP A 254 7.33 2.31 32.60
C ASP A 254 7.40 3.82 32.35
N ARG A 255 7.71 4.22 31.12
CA ARG A 255 7.71 5.66 30.81
C ARG A 255 6.29 6.21 30.71
N SER A 256 5.35 5.31 30.39
CA SER A 256 3.95 5.66 30.24
C SER A 256 3.19 5.39 31.54
N PRO A 257 1.91 5.73 31.57
CA PRO A 257 1.13 5.43 32.77
C PRO A 257 0.89 3.95 32.98
N CYS A 258 1.19 3.13 31.96
CA CYS A 258 1.07 1.66 32.02
C CYS A 258 -0.39 1.23 31.84
N GLY A 259 -0.66 0.59 30.71
CA GLY A 259 -2.01 0.12 30.41
C GLY A 259 -2.56 -0.87 31.43
N THR A 260 -1.82 -1.93 31.68
CA THR A 260 -2.29 -2.92 32.65
C THR A 260 -2.33 -2.36 34.07
N GLY A 261 -1.39 -1.48 34.38
CA GLY A 261 -1.32 -0.89 35.70
C GLY A 261 -2.46 0.09 35.93
N THR A 262 -2.76 0.87 34.91
CA THR A 262 -3.88 1.79 34.99
C THR A 262 -5.20 1.02 35.01
N SER A 263 -5.27 -0.13 34.32
CA SER A 263 -6.46 -0.99 34.44
C SER A 263 -6.64 -1.52 35.84
N ALA A 264 -5.55 -1.96 36.46
CA ALA A 264 -5.61 -2.40 37.85
C ALA A 264 -6.06 -1.24 38.76
N LYS A 265 -5.56 -0.03 38.49
CA LYS A 265 -5.97 1.14 39.25
C LYS A 265 -7.47 1.39 39.09
N LEU A 266 -7.97 1.30 37.86
CA LEU A 266 -9.40 1.48 37.60
C LEU A 266 -10.21 0.48 38.40
N ALA A 267 -9.69 -0.75 38.51
CA ALA A 267 -10.43 -1.78 39.24
C ALA A 267 -10.56 -1.42 40.71
N CYS A 268 -9.49 -0.83 41.26
CA CYS A 268 -9.54 -0.37 42.67
C CYS A 268 -10.47 0.83 42.84
N LEU A 269 -10.38 1.80 41.94
CA LEU A 269 -11.28 2.94 41.96
C LEU A 269 -12.73 2.50 41.85
N ALA A 270 -13.01 1.55 40.98
CA ALA A 270 -14.37 1.04 40.83
C ALA A 270 -14.85 0.33 42.09
N ALA A 271 -13.98 -0.47 42.71
CA ALA A 271 -14.34 -1.20 43.92
C ALA A 271 -14.66 -0.25 45.09
N ASP A 272 -13.92 0.86 45.18
CA ASP A 272 -14.11 1.82 46.27
C ASP A 272 -15.19 2.84 45.92
N GLY A 273 -15.65 2.84 44.68
CA GLY A 273 -16.63 3.84 44.24
C GLY A 273 -16.02 5.20 43.93
N THR A 274 -14.70 5.33 43.96
CA THR A 274 -14.02 6.60 43.74
C THR A 274 -14.28 7.17 42.34
N LEU A 275 -14.37 6.29 41.36
CA LEU A 275 -14.62 6.64 39.97
C LEU A 275 -15.94 6.00 39.58
N ALA A 276 -16.84 6.81 39.04
CA ALA A 276 -18.15 6.33 38.60
C ALA A 276 -18.03 5.59 37.26
N GLU A 277 -18.94 4.66 37.03
CA GLU A 277 -19.01 3.96 35.76
C GLU A 277 -19.19 4.94 34.62
N GLY A 278 -18.37 4.81 33.59
CA GLY A 278 -18.43 5.67 32.44
C GLY A 278 -17.65 6.97 32.55
N GLN A 279 -17.22 7.33 33.75
CA GLN A 279 -16.46 8.57 33.94
C GLN A 279 -15.00 8.35 33.66
N THR A 280 -14.36 9.42 33.23
CA THR A 280 -12.96 9.35 32.84
C THR A 280 -11.99 9.66 33.97
N TRP A 281 -10.93 8.85 34.07
CA TRP A 281 -9.81 9.03 34.97
C TRP A 281 -8.61 9.42 34.11
N VAL A 282 -7.92 10.50 34.50
CA VAL A 282 -6.74 10.95 33.80
C VAL A 282 -5.51 10.57 34.62
N GLN A 283 -4.67 9.71 34.05
CA GLN A 283 -3.51 9.17 34.77
C GLN A 283 -2.23 9.69 34.11
N ALA A 284 -1.46 10.49 34.84
CA ALA A 284 -0.17 10.95 34.38
C ALA A 284 0.89 9.93 34.78
N SER A 285 1.98 9.92 34.01
CA SER A 285 3.10 9.02 34.22
C SER A 285 4.28 9.76 34.82
N ILE A 286 5.32 9.02 35.16
CA ILE A 286 6.55 9.59 35.65
C ILE A 286 7.19 10.61 34.68
N THR A 287 6.95 10.42 33.37
CA THR A 287 7.53 11.31 32.37
C THR A 287 6.60 12.49 32.03
N GLY A 288 5.42 12.50 32.64
CA GLY A 288 4.44 13.53 32.34
C GLY A 288 3.58 13.24 31.12
N SER A 289 3.64 12.03 30.58
CA SER A 289 2.66 11.62 29.59
C SER A 289 1.36 11.22 30.29
N GLN A 290 0.27 11.16 29.55
CA GLN A 290 -1.04 10.86 30.12
C GLN A 290 -1.82 9.86 29.31
N PHE A 291 -2.56 9.02 30.04
CA PHE A 291 -3.61 8.17 29.47
C PHE A 291 -4.96 8.56 30.13
N HIS A 292 -6.05 8.21 29.45
CA HIS A 292 -7.39 8.33 30.01
C HIS A 292 -7.95 6.95 30.22
N GLY A 293 -8.69 6.73 31.29
CA GLY A 293 -9.27 5.41 31.49
C GLY A 293 -10.72 5.51 31.91
N ARG A 294 -11.50 4.50 31.57
CA ARG A 294 -12.86 4.37 32.07
C ARG A 294 -13.17 2.90 32.17
N TYR A 295 -14.27 2.57 32.83
CA TYR A 295 -14.65 1.16 32.97
C TYR A 295 -16.14 0.94 32.80
N GLU A 296 -16.48 -0.29 32.45
CA GLU A 296 -17.83 -0.82 32.54
C GLU A 296 -17.79 -2.01 33.48
N ARG A 297 -18.89 -2.31 34.11
CA ARG A 297 -18.91 -3.44 35.05
C ARG A 297 -19.22 -4.78 34.38
N ASP A 298 -18.55 -5.81 34.91
CA ASP A 298 -18.58 -7.18 34.38
C ASP A 298 -18.71 -8.11 35.57
N GLY A 299 -19.90 -8.27 36.15
CA GLY A 299 -20.02 -9.07 37.36
C GLY A 299 -19.20 -8.44 38.49
N GLU A 300 -18.27 -9.18 39.09
CA GLU A 300 -17.47 -8.60 40.17
C GLU A 300 -16.18 -7.98 39.65
N ARG A 301 -15.99 -8.00 38.34
CA ARG A 301 -14.81 -7.40 37.74
C ARG A 301 -15.20 -6.20 36.90
N ILE A 302 -14.20 -5.58 36.27
CA ILE A 302 -14.49 -4.50 35.34
C ILE A 302 -13.88 -4.77 33.97
N ARG A 303 -14.49 -4.16 32.97
CA ARG A 303 -13.90 -4.03 31.63
C ARG A 303 -13.25 -2.65 31.54
N PRO A 304 -11.90 -2.58 31.53
CA PRO A 304 -11.26 -1.27 31.46
C PRO A 304 -10.99 -0.87 30.03
N PHE A 305 -11.06 0.43 29.78
CA PHE A 305 -10.75 0.99 28.46
C PHE A 305 -9.69 2.05 28.65
N ILE A 306 -8.58 1.90 27.95
CA ILE A 306 -7.44 2.81 28.09
C ILE A 306 -7.26 3.60 26.79
N THR A 307 -7.29 4.93 26.91
CA THR A 307 -7.12 5.80 25.75
C THR A 307 -5.81 6.55 25.83
N GLY A 308 -5.06 6.49 24.74
CA GLY A 308 -3.82 7.22 24.67
C GLY A 308 -3.48 7.58 23.24
N ARG A 309 -2.28 8.11 23.07
CA ARG A 309 -1.78 8.56 21.78
C ARG A 309 -0.41 8.00 21.52
N ALA A 310 -0.13 7.73 20.25
CA ALA A 310 1.23 7.43 19.84
C ALA A 310 1.70 8.44 18.82
N HIS A 311 3.00 8.72 18.85
CA HIS A 311 3.64 9.64 17.92
C HIS A 311 4.75 8.93 17.18
N MET A 312 4.84 9.19 15.89
CA MET A 312 5.91 8.60 15.06
C MET A 312 7.23 9.20 15.47
N THR A 313 8.28 8.36 15.49
CA THR A 313 9.61 8.83 15.79
C THR A 313 10.67 8.51 14.73
N ALA A 314 10.43 7.51 13.88
CA ALA A 314 11.37 7.18 12.81
C ALA A 314 10.73 6.27 11.79
N ASP A 315 11.15 6.47 10.54
CA ASP A 315 10.87 5.57 9.42
C ASP A 315 12.24 5.06 9.04
N SER A 316 12.47 3.77 9.26
N SER A 316 12.48 3.77 9.26
CA SER A 316 13.80 3.22 9.17
CA SER A 316 13.84 3.24 9.27
C SER A 316 13.89 1.95 8.34
C SER A 316 13.97 1.91 8.51
N THR A 317 15.07 1.77 7.75
CA THR A 317 15.45 0.51 7.15
C THR A 317 16.59 -0.02 7.99
N LEU A 318 16.31 -1.03 8.81
CA LEU A 318 17.38 -1.70 9.55
C LEU A 318 18.20 -2.50 8.55
N LEU A 319 19.50 -2.55 8.78
CA LEU A 319 20.42 -3.14 7.84
C LEU A 319 21.20 -4.24 8.52
N ILE A 320 21.25 -5.41 7.89
CA ILE A 320 21.98 -6.54 8.43
C ILE A 320 23.20 -6.81 7.56
N ASP A 321 24.39 -6.56 8.10
CA ASP A 321 25.65 -6.83 7.38
C ASP A 321 26.12 -8.24 7.73
N GLU A 322 26.23 -9.10 6.72
CA GLU A 322 26.58 -10.50 6.96
C GLU A 322 27.96 -10.70 7.58
N GLN A 323 28.83 -9.72 7.41
CA GLN A 323 30.19 -9.81 7.95
C GLN A 323 30.26 -9.37 9.41
N ASP A 324 29.12 -8.96 9.95
CA ASP A 324 29.07 -8.38 11.30
C ASP A 324 28.77 -9.48 12.32
N PRO A 325 29.70 -9.70 13.26
CA PRO A 325 29.44 -10.72 14.29
C PRO A 325 28.19 -10.39 15.12
N PHE A 326 27.83 -9.11 15.19
CA PHE A 326 26.64 -8.69 15.91
C PHE A 326 25.45 -8.38 14.99
N ALA A 327 25.49 -8.89 13.76
CA ALA A 327 24.43 -8.62 12.77
C ALA A 327 23.04 -8.92 13.33
N TRP A 328 22.93 -10.01 14.08
CA TRP A 328 21.64 -10.50 14.60
C TRP A 328 21.51 -10.21 16.10
N GLY A 329 22.26 -9.20 16.56
CA GLY A 329 22.20 -8.80 17.95
C GLY A 329 23.33 -9.32 18.79
N ILE A 330 23.65 -8.58 19.84
CA ILE A 330 24.62 -9.00 20.84
C ILE A 330 23.97 -9.98 21.80
N TYR B 19 21.32 3.48 -56.63
CA TYR B 19 21.77 2.93 -55.32
C TYR B 19 20.61 2.77 -54.31
N PHE B 20 19.85 3.83 -54.10
CA PHE B 20 18.71 3.75 -53.21
C PHE B 20 17.77 2.70 -53.79
N GLN B 21 17.63 2.78 -55.11
CA GLN B 21 16.89 1.79 -55.86
C GLN B 21 17.38 0.34 -55.60
N SER B 22 18.63 0.17 -55.14
CA SER B 22 19.21 -1.16 -54.86
C SER B 22 18.79 -1.80 -53.52
N MET B 23 18.42 -0.98 -52.55
CA MET B 23 18.10 -1.45 -51.20
C MET B 23 16.64 -1.83 -51.11
N LYS B 24 16.27 -2.70 -50.17
CA LYS B 24 14.85 -2.98 -49.99
C LYS B 24 14.17 -1.74 -49.42
N GLN B 25 12.95 -1.47 -49.88
CA GLN B 25 12.24 -0.26 -49.53
C GLN B 25 10.90 -0.56 -48.87
N ILE B 26 10.57 0.21 -47.85
CA ILE B 26 9.29 0.08 -47.15
C ILE B 26 8.67 1.47 -47.09
N HIS B 27 7.50 1.65 -47.71
CA HIS B 27 6.84 2.94 -47.67
C HIS B 27 5.97 3.04 -46.44
N VAL B 28 6.27 4.00 -45.58
CA VAL B 28 5.54 4.23 -44.35
C VAL B 28 5.05 5.66 -44.25
N ILE B 29 3.93 5.81 -43.57
CA ILE B 29 3.43 7.11 -43.18
C ILE B 29 3.47 7.13 -41.67
N ASP B 30 4.30 7.98 -41.09
CA ASP B 30 4.35 8.12 -39.64
C ASP B 30 3.41 9.25 -39.24
N SER B 31 2.74 9.05 -38.12
CA SER B 31 1.85 10.02 -37.51
C SER B 31 1.96 9.92 -36.01
N HIS B 32 1.30 10.84 -35.33
CA HIS B 32 1.15 10.68 -33.89
C HIS B 32 -0.28 10.96 -33.50
N THR B 33 -0.71 10.32 -32.41
CA THR B 33 -2.02 10.50 -31.81
C THR B 33 -1.80 11.00 -30.39
N GLY B 34 -1.97 12.30 -30.18
CA GLY B 34 -1.69 12.90 -28.89
C GLY B 34 -0.26 12.70 -28.38
N GLY B 35 0.64 12.52 -29.33
CA GLY B 35 2.07 12.38 -29.04
C GLY B 35 2.57 10.93 -29.13
N GLU B 36 1.65 9.98 -29.24
CA GLU B 36 1.98 8.57 -29.25
C GLU B 36 2.01 8.14 -30.72
N PRO B 37 3.19 7.72 -31.23
CA PRO B 37 3.36 7.60 -32.68
C PRO B 37 2.94 6.26 -33.29
N THR B 38 2.52 6.34 -34.55
CA THR B 38 2.14 5.20 -35.34
C THR B 38 2.90 5.22 -36.64
N ARG B 39 3.43 4.07 -37.03
CA ARG B 39 4.16 3.89 -38.30
C ARG B 39 3.28 2.99 -39.19
N LEU B 40 2.61 3.58 -40.17
CA LEU B 40 1.68 2.87 -41.03
C LEU B 40 2.42 2.38 -42.26
N VAL B 41 2.53 1.06 -42.41
CA VAL B 41 3.21 0.48 -43.55
C VAL B 41 2.24 0.33 -44.71
N MET B 42 2.46 1.11 -45.77
CA MET B 42 1.60 1.09 -46.93
C MET B 42 2.10 0.19 -48.07
N LYS B 43 3.38 -0.18 -48.06
CA LYS B 43 3.94 -1.03 -49.14
C LYS B 43 5.29 -1.53 -48.67
N GLY B 44 5.63 -2.76 -49.05
CA GLY B 44 6.98 -3.26 -48.88
C GLY B 44 7.11 -4.50 -48.03
N PHE B 45 6.07 -4.87 -47.29
CA PHE B 45 6.12 -6.13 -46.57
C PHE B 45 5.76 -7.25 -47.54
N PRO B 46 6.11 -8.50 -47.19
CA PRO B 46 5.86 -9.63 -48.08
C PRO B 46 4.39 -9.90 -48.30
N GLN B 47 4.06 -10.54 -49.40
CA GLN B 47 2.68 -10.92 -49.68
C GLN B 47 2.24 -11.95 -48.64
N LEU B 48 1.07 -11.69 -48.03
CA LEU B 48 0.49 -12.58 -47.03
C LEU B 48 -0.68 -13.32 -47.63
N HIS B 49 -0.60 -14.65 -47.61
CA HIS B 49 -1.62 -15.48 -48.26
C HIS B 49 -2.74 -15.89 -47.32
N GLY B 50 -2.59 -15.60 -46.04
CA GLY B 50 -3.60 -15.93 -45.06
C GLY B 50 -4.92 -15.30 -45.42
N ARG B 51 -5.99 -16.06 -45.26
CA ARG B 51 -7.30 -15.57 -45.61
C ARG B 51 -7.85 -14.68 -44.50
N SER B 52 -7.54 -14.99 -43.25
CA SER B 52 -8.04 -14.20 -42.14
C SER B 52 -6.97 -13.27 -41.59
N MET B 53 -7.37 -12.27 -40.82
CA MET B 53 -6.39 -11.34 -40.28
C MET B 53 -5.50 -12.02 -39.24
N ALA B 54 -6.06 -12.98 -38.51
CA ALA B 54 -5.28 -13.74 -37.55
C ALA B 54 -4.26 -14.62 -38.26
N GLU B 55 -4.65 -15.22 -39.37
CA GLU B 55 -3.74 -16.03 -40.18
C GLU B 55 -2.61 -15.18 -40.71
N GLN B 56 -2.93 -13.99 -41.20
CA GLN B 56 -1.92 -13.06 -41.70
C GLN B 56 -0.97 -12.62 -40.60
N ARG B 57 -1.52 -12.34 -39.42
CA ARG B 57 -0.69 -11.98 -38.28
C ARG B 57 0.26 -13.13 -37.90
N ASP B 58 -0.26 -14.36 -37.85
CA ASP B 58 0.57 -15.52 -37.55
C ASP B 58 1.64 -15.70 -38.62
N GLU B 59 1.27 -15.43 -39.87
CA GLU B 59 2.18 -15.54 -41.01
C GLU B 59 3.34 -14.57 -40.81
N LEU B 60 3.03 -13.32 -40.49
CA LEU B 60 4.08 -12.33 -40.26
C LEU B 60 5.01 -12.78 -39.15
N ARG B 61 4.42 -13.22 -38.06
CA ARG B 61 5.18 -13.61 -36.88
C ARG B 61 6.09 -14.79 -37.17
N GLU B 62 5.55 -15.78 -37.88
CA GLU B 62 6.26 -17.05 -38.09
C GLU B 62 7.16 -17.06 -39.33
N LEU B 63 6.77 -16.35 -40.38
CA LEU B 63 7.50 -16.47 -41.65
C LEU B 63 8.23 -15.17 -42.04
N HIS B 64 7.87 -14.05 -41.44
CA HIS B 64 8.31 -12.77 -41.94
C HIS B 64 8.61 -11.76 -40.83
N ASP B 65 9.09 -12.21 -39.68
CA ASP B 65 9.19 -11.30 -38.53
C ASP B 65 10.31 -10.25 -38.71
N ARG B 66 11.22 -10.47 -39.64
CA ARG B 66 12.28 -9.50 -39.85
C ARG B 66 11.72 -8.15 -40.26
N TRP B 67 10.54 -8.13 -40.87
CA TRP B 67 9.95 -6.90 -41.33
C TRP B 67 9.47 -6.04 -40.17
N ARG B 68 8.72 -6.61 -39.25
CA ARG B 68 8.44 -5.91 -38.00
C ARG B 68 9.73 -5.39 -37.37
N ARG B 69 10.74 -6.25 -37.24
CA ARG B 69 11.93 -5.85 -36.53
C ARG B 69 12.66 -4.74 -37.23
N ALA B 70 12.71 -4.75 -38.56
CA ALA B 70 13.40 -3.67 -39.26
C ALA B 70 12.73 -2.35 -38.96
N CYS B 71 11.41 -2.37 -38.78
CA CYS B 71 10.65 -1.13 -38.59
C CYS B 71 10.59 -0.64 -37.16
N LEU B 72 10.69 -1.57 -36.21
CA LEU B 72 10.43 -1.28 -34.79
C LEU B 72 11.63 -1.35 -33.87
N LEU B 73 12.63 -2.19 -34.16
CA LEU B 73 13.81 -2.25 -33.33
C LEU B 73 14.65 -1.01 -33.64
N GLU B 74 15.62 -0.70 -32.79
CA GLU B 74 16.63 0.28 -33.20
C GLU B 74 17.33 -0.26 -34.44
N PRO B 75 17.82 0.63 -35.30
CA PRO B 75 17.81 2.08 -35.16
C PRO B 75 16.57 2.79 -35.72
N ARG B 76 15.75 2.11 -36.50
CA ARG B 76 14.61 2.81 -37.13
C ARG B 76 13.42 3.04 -36.19
N GLY B 77 13.27 2.19 -35.20
CA GLY B 77 12.19 2.30 -34.25
C GLY B 77 12.67 2.63 -32.85
N ASN B 78 11.76 2.52 -31.89
CA ASN B 78 12.02 2.88 -30.51
C ASN B 78 10.95 2.25 -29.63
N ASP B 79 11.04 2.49 -28.32
CA ASP B 79 10.19 1.83 -27.34
C ASP B 79 8.75 2.33 -27.29
N VAL B 80 8.47 3.47 -27.92
CA VAL B 80 7.11 4.02 -27.89
C VAL B 80 6.31 3.76 -29.16
N LEU B 81 6.98 3.42 -30.26
CA LEU B 81 6.34 3.28 -31.54
C LEU B 81 5.47 2.04 -31.67
N VAL B 82 4.36 2.18 -32.37
CA VAL B 82 3.58 1.07 -32.83
C VAL B 82 3.55 1.11 -34.35
N GLY B 83 3.78 -0.03 -34.96
CA GLY B 83 3.65 -0.20 -36.39
C GLY B 83 2.29 -0.79 -36.73
N ALA B 84 1.84 -0.47 -37.92
CA ALA B 84 0.55 -0.92 -38.40
C ALA B 84 0.71 -1.30 -39.85
N LEU B 85 0.44 -2.57 -40.18
CA LEU B 85 0.49 -2.99 -41.57
C LEU B 85 -0.87 -2.81 -42.22
N TYR B 86 -0.94 -1.99 -43.26
CA TYR B 86 -2.16 -1.85 -44.02
C TYR B 86 -2.39 -3.11 -44.82
N CYS B 87 -3.61 -3.65 -44.73
CA CYS B 87 -4.00 -4.84 -45.48
C CYS B 87 -5.32 -4.57 -46.21
N PRO B 88 -5.53 -5.20 -47.35
CA PRO B 88 -6.88 -5.17 -47.94
C PRO B 88 -7.92 -5.73 -46.97
N PRO B 89 -9.14 -5.23 -47.05
CA PRO B 89 -10.18 -5.74 -46.14
C PRO B 89 -10.48 -7.20 -46.41
N VAL B 90 -10.86 -7.92 -45.36
CA VAL B 90 -11.25 -9.32 -45.52
C VAL B 90 -12.76 -9.48 -45.39
N SER B 91 -13.41 -8.60 -44.64
CA SER B 91 -14.85 -8.66 -44.48
C SER B 91 -15.52 -7.73 -45.49
N ALA B 92 -16.74 -8.09 -45.88
CA ALA B 92 -17.42 -7.38 -46.95
C ALA B 92 -17.58 -5.88 -46.73
N ASP B 93 -17.77 -5.46 -45.48
CA ASP B 93 -18.08 -4.06 -45.21
C ASP B 93 -16.92 -3.26 -44.65
N ALA B 94 -15.73 -3.84 -44.59
CA ALA B 94 -14.60 -3.14 -43.98
C ALA B 94 -13.83 -2.29 -44.97
N THR B 95 -13.26 -1.21 -44.45
CA THR B 95 -12.43 -0.33 -45.22
C THR B 95 -11.07 -0.96 -45.52
N CYS B 96 -10.49 -1.61 -44.51
CA CYS B 96 -9.23 -2.30 -44.68
C CYS B 96 -9.04 -3.25 -43.51
N GLY B 97 -7.93 -3.98 -43.55
CA GLY B 97 -7.44 -4.75 -42.41
C GLY B 97 -6.22 -4.08 -41.84
N VAL B 98 -5.86 -4.40 -40.61
CA VAL B 98 -4.63 -3.88 -40.03
C VAL B 98 -4.05 -4.90 -39.09
N ILE B 99 -2.71 -4.94 -39.05
CA ILE B 99 -2.00 -5.77 -38.10
C ILE B 99 -1.06 -4.83 -37.35
N PHE B 100 -1.24 -4.73 -36.04
CA PHE B 100 -0.40 -3.88 -35.22
C PHE B 100 0.75 -4.65 -34.58
N PHE B 101 1.86 -3.96 -34.35
CA PHE B 101 3.03 -4.57 -33.73
C PHE B 101 3.90 -3.52 -33.11
N ASN B 102 4.73 -3.95 -32.17
CA ASN B 102 5.69 -3.03 -31.54
C ASN B 102 7.04 -3.71 -31.46
N ASN B 103 7.97 -3.16 -30.69
CA ASN B 103 9.31 -3.72 -30.66
C ASN B 103 9.41 -5.04 -29.91
N ALA B 104 8.31 -5.50 -29.31
CA ALA B 104 8.34 -6.73 -28.52
C ALA B 104 7.56 -7.87 -29.19
N GLY B 105 6.63 -7.55 -30.08
CA GLY B 105 5.79 -8.56 -30.69
C GLY B 105 4.58 -7.96 -31.38
N TYR B 106 3.50 -8.73 -31.50
CA TYR B 106 2.30 -8.31 -32.20
C TYR B 106 1.20 -7.98 -31.21
N LEU B 107 0.36 -7.04 -31.59
CA LEU B 107 -0.75 -6.59 -30.77
C LEU B 107 -1.96 -7.11 -31.47
N ASN B 108 -3.16 -6.94 -30.92
CA ASN B 108 -4.35 -7.23 -31.65
C ASN B 108 -5.11 -5.96 -32.02
N MET B 109 -5.58 -5.25 -31.00
CA MET B 109 -6.15 -3.91 -31.23
C MET B 109 -5.17 -2.84 -30.74
N CYS B 110 -5.37 -1.62 -31.22
CA CYS B 110 -4.54 -0.48 -30.83
C CYS B 110 -5.31 0.80 -31.12
N GLY B 111 -5.89 1.38 -30.08
CA GLY B 111 -6.76 2.53 -30.27
C GLY B 111 -6.04 3.72 -30.89
N HIS B 112 -4.91 4.09 -30.31
CA HIS B 112 -4.21 5.24 -30.86
C HIS B 112 -3.70 4.98 -32.27
N GLY B 113 -3.32 3.75 -32.55
CA GLY B 113 -2.88 3.35 -33.88
C GLY B 113 -3.99 3.34 -34.90
N THR B 114 -5.19 3.06 -34.42
CA THR B 114 -6.37 3.08 -35.28
C THR B 114 -6.73 4.52 -35.67
N ILE B 115 -6.63 5.43 -34.72
CA ILE B 115 -6.79 6.85 -35.00
C ILE B 115 -5.73 7.29 -36.01
N GLY B 116 -4.48 6.86 -35.81
CA GLY B 116 -3.42 7.14 -36.80
C GLY B 116 -3.74 6.60 -38.18
N LEU B 117 -4.18 5.34 -38.21
CA LEU B 117 -4.56 4.70 -39.46
C LEU B 117 -5.62 5.49 -40.21
N VAL B 118 -6.72 5.82 -39.53
CA VAL B 118 -7.86 6.47 -40.19
C VAL B 118 -7.48 7.86 -40.67
N ALA B 119 -6.74 8.61 -39.85
CA ALA B 119 -6.28 9.92 -40.30
C ALA B 119 -5.40 9.81 -41.54
N SER B 120 -4.50 8.84 -41.51
CA SER B 120 -3.61 8.62 -42.65
C SER B 120 -4.39 8.28 -43.92
N LEU B 121 -5.34 7.37 -43.82
CA LEU B 121 -6.15 6.99 -44.96
C LEU B 121 -6.91 8.18 -45.52
N GLN B 122 -7.42 9.04 -44.65
CA GLN B 122 -8.11 10.26 -45.11
C GLN B 122 -7.18 11.15 -45.92
N HIS B 123 -5.98 11.39 -45.39
CA HIS B 123 -5.07 12.28 -46.11
C HIS B 123 -4.51 11.67 -47.38
N LEU B 124 -4.55 10.34 -47.47
CA LEU B 124 -4.16 9.67 -48.70
C LEU B 124 -5.30 9.59 -49.72
N GLY B 125 -6.49 10.03 -49.33
CA GLY B 125 -7.61 10.07 -50.25
C GLY B 125 -8.33 8.75 -50.40
N LEU B 126 -8.18 7.88 -49.40
CA LEU B 126 -8.70 6.53 -49.51
C LEU B 126 -10.04 6.37 -48.81
N ILE B 127 -10.38 7.31 -47.90
CA ILE B 127 -11.65 7.30 -47.21
C ILE B 127 -12.18 8.72 -47.04
N ALA B 128 -13.48 8.81 -46.77
CA ALA B 128 -14.17 10.06 -46.46
C ALA B 128 -14.75 9.99 -45.06
N PRO B 129 -15.19 11.14 -44.51
CA PRO B 129 -15.87 11.11 -43.21
C PRO B 129 -17.03 10.13 -43.17
N GLY B 130 -17.18 9.52 -42.00
CA GLY B 130 -18.24 8.55 -41.76
C GLY B 130 -17.72 7.40 -40.90
N VAL B 131 -18.57 6.41 -40.69
CA VAL B 131 -18.21 5.22 -39.92
C VAL B 131 -17.43 4.26 -40.79
N HIS B 132 -16.33 3.76 -40.23
CA HIS B 132 -15.45 2.82 -40.92
C HIS B 132 -15.17 1.61 -40.07
N LYS B 133 -15.37 0.45 -40.64
CA LYS B 133 -15.00 -0.79 -39.98
C LYS B 133 -13.62 -1.25 -40.43
N ILE B 134 -12.79 -1.63 -39.47
CA ILE B 134 -11.42 -2.08 -39.72
C ILE B 134 -11.28 -3.50 -39.20
N ASP B 135 -10.85 -4.41 -40.08
CA ASP B 135 -10.63 -5.78 -39.70
C ASP B 135 -9.33 -5.93 -38.92
N THR B 136 -9.38 -6.57 -37.77
CA THR B 136 -8.16 -6.90 -37.01
C THR B 136 -8.11 -8.42 -36.74
N PRO B 137 -6.98 -8.91 -36.20
CA PRO B 137 -6.90 -10.35 -35.93
C PRO B 137 -7.98 -10.87 -34.99
N VAL B 138 -8.57 -9.99 -34.19
CA VAL B 138 -9.60 -10.41 -33.23
C VAL B 138 -10.98 -9.86 -33.56
N GLY B 139 -11.18 -9.43 -34.80
CA GLY B 139 -12.48 -8.96 -35.23
C GLY B 139 -12.47 -7.50 -35.61
N GLN B 140 -13.65 -6.94 -35.79
CA GLN B 140 -13.76 -5.58 -36.30
C GLN B 140 -13.70 -4.50 -35.23
N VAL B 141 -13.05 -3.41 -35.59
CA VAL B 141 -13.07 -2.18 -34.81
C VAL B 141 -13.81 -1.10 -35.61
N SER B 142 -14.71 -0.40 -34.95
CA SER B 142 -15.48 0.64 -35.59
C SER B 142 -14.94 2.01 -35.20
N ALA B 143 -14.60 2.83 -36.20
CA ALA B 143 -14.09 4.16 -35.97
C ALA B 143 -14.85 5.14 -36.82
N THR B 144 -15.23 6.26 -36.21
CA THR B 144 -15.95 7.28 -36.95
C THR B 144 -15.03 8.46 -37.21
N LEU B 145 -14.87 8.80 -38.49
CA LEU B 145 -14.13 9.96 -38.91
C LEU B 145 -15.11 11.09 -39.05
N HIS B 146 -14.96 12.07 -38.17
CA HIS B 146 -15.81 13.24 -38.18
C HIS B 146 -15.43 14.20 -39.29
N GLU B 147 -16.38 15.04 -39.67
CA GLU B 147 -16.13 16.06 -40.69
C GLU B 147 -14.95 16.95 -40.34
N ASP B 148 -14.73 17.20 -39.04
CA ASP B 148 -13.66 18.11 -38.61
C ASP B 148 -12.34 17.39 -38.41
N GLY B 149 -12.33 16.09 -38.70
CA GLY B 149 -11.12 15.28 -38.70
C GLY B 149 -10.85 14.51 -37.42
N ALA B 150 -11.59 14.81 -36.36
CA ALA B 150 -11.46 14.02 -35.14
C ALA B 150 -11.98 12.63 -35.42
N ILE B 151 -11.51 11.64 -34.66
CA ILE B 151 -11.86 10.24 -34.89
C ILE B 151 -12.29 9.63 -33.58
N THR B 152 -13.46 8.99 -33.59
CA THR B 152 -14.00 8.33 -32.41
C THR B 152 -13.95 6.82 -32.57
N VAL B 153 -13.23 6.17 -31.66
CA VAL B 153 -13.12 4.72 -31.62
C VAL B 153 -14.12 4.14 -30.62
N ALA B 154 -14.90 3.18 -31.10
CA ALA B 154 -15.76 2.40 -30.23
C ALA B 154 -14.90 1.36 -29.55
N ASN B 155 -14.57 1.63 -28.30
CA ASN B 155 -13.74 0.75 -27.49
C ASN B 155 -14.49 -0.51 -27.08
N VAL B 156 -13.76 -1.57 -26.74
CA VAL B 156 -14.40 -2.78 -26.24
C VAL B 156 -15.10 -2.48 -24.92
N PRO B 157 -16.10 -3.29 -24.57
CA PRO B 157 -16.80 -3.08 -23.32
C PRO B 157 -15.83 -3.12 -22.15
N SER B 158 -16.01 -2.15 -21.26
CA SER B 158 -15.07 -1.89 -20.16
C SER B 158 -15.78 -1.98 -18.82
N TYR B 159 -15.04 -2.26 -17.75
CA TYR B 159 -15.67 -2.39 -16.46
C TYR B 159 -14.69 -2.29 -15.31
N ARG B 160 -15.20 -1.97 -14.14
CA ARG B 160 -14.41 -2.02 -12.92
C ARG B 160 -14.59 -3.37 -12.27
N TYR B 161 -13.46 -4.00 -11.96
CA TYR B 161 -13.43 -5.34 -11.36
C TYR B 161 -13.37 -5.24 -9.84
N ARG B 162 -12.48 -4.40 -9.34
CA ARG B 162 -12.36 -4.18 -7.90
C ARG B 162 -12.11 -2.70 -7.61
N GLN B 163 -12.47 -2.29 -6.40
CA GLN B 163 -12.43 -0.90 -6.01
C GLN B 163 -11.54 -0.70 -4.77
N HIS B 164 -10.75 0.37 -4.79
CA HIS B 164 -9.99 0.80 -3.63
C HIS B 164 -9.16 -0.33 -3.02
N VAL B 165 -8.33 -0.93 -3.86
CA VAL B 165 -7.45 -2.02 -3.49
C VAL B 165 -6.10 -1.47 -3.04
N ALA B 166 -5.59 -1.96 -1.91
CA ALA B 166 -4.33 -1.49 -1.36
C ALA B 166 -3.13 -2.23 -1.96
N VAL B 167 -2.05 -1.50 -2.20
CA VAL B 167 -0.79 -2.12 -2.58
C VAL B 167 0.33 -1.34 -1.92
N ASN B 168 1.33 -2.04 -1.38
CA ASN B 168 2.50 -1.38 -0.85
C ASN B 168 3.55 -1.25 -1.94
N VAL B 169 3.95 -0.02 -2.23
CA VAL B 169 4.95 0.23 -3.26
C VAL B 169 6.27 0.56 -2.58
N PRO B 170 7.26 -0.32 -2.76
CA PRO B 170 8.56 -0.11 -2.10
C PRO B 170 9.09 1.30 -2.30
N GLY B 171 9.60 1.89 -1.22
CA GLY B 171 10.21 3.20 -1.29
C GLY B 171 9.22 4.34 -1.39
N HIS B 172 7.93 4.01 -1.39
CA HIS B 172 6.90 5.04 -1.58
C HIS B 172 5.74 4.91 -0.59
N GLY B 173 5.40 3.69 -0.19
CA GLY B 173 4.34 3.48 0.79
C GLY B 173 3.10 2.80 0.21
N VAL B 174 2.00 2.87 0.95
CA VAL B 174 0.74 2.26 0.54
C VAL B 174 -0.12 3.19 -0.31
N VAL B 175 -0.65 2.66 -1.41
CA VAL B 175 -1.54 3.44 -2.26
C VAL B 175 -2.76 2.58 -2.55
N HIS B 176 -3.89 3.22 -2.83
CA HIS B 176 -5.10 2.50 -3.21
C HIS B 176 -5.47 2.84 -4.65
N GLY B 177 -6.01 1.86 -5.37
CA GLY B 177 -6.46 2.09 -6.73
C GLY B 177 -7.58 1.15 -7.13
N ASP B 178 -8.25 1.47 -8.23
CA ASP B 178 -9.27 0.59 -8.77
C ASP B 178 -8.59 -0.31 -9.78
N ILE B 179 -9.15 -1.50 -9.97
CA ILE B 179 -8.69 -2.42 -10.98
C ILE B 179 -9.78 -2.52 -12.03
N ALA B 180 -9.44 -2.15 -13.26
CA ALA B 180 -10.44 -2.03 -14.31
C ALA B 180 -9.91 -2.49 -15.66
N TRP B 181 -10.81 -3.05 -16.46
CA TRP B 181 -10.52 -3.48 -17.80
C TRP B 181 -11.06 -2.48 -18.80
N GLY B 182 -10.20 -2.02 -19.70
CA GLY B 182 -10.60 -1.17 -20.80
C GLY B 182 -10.10 -1.68 -22.14
N GLY B 183 -9.83 -2.97 -22.25
CA GLY B 183 -9.11 -3.54 -23.38
C GLY B 183 -7.69 -3.93 -23.02
N ASN B 184 -7.26 -3.48 -21.84
CA ASN B 184 -6.08 -3.96 -21.13
C ASN B 184 -6.45 -3.82 -19.66
N TRP B 185 -5.69 -4.47 -18.76
CA TRP B 185 -5.90 -4.31 -17.32
C TRP B 185 -5.12 -3.13 -16.75
N PHE B 186 -5.83 -2.29 -16.01
CA PHE B 186 -5.25 -1.12 -15.38
C PHE B 186 -5.48 -1.09 -13.89
N PHE B 187 -4.52 -0.50 -13.19
CA PHE B 187 -4.67 -0.09 -11.81
C PHE B 187 -4.72 1.43 -11.85
N LEU B 188 -5.80 1.99 -11.34
CA LEU B 188 -6.11 3.42 -11.47
C LEU B 188 -6.02 4.08 -10.10
N VAL B 189 -5.13 5.05 -9.98
CA VAL B 189 -4.81 5.69 -8.71
C VAL B 189 -5.09 7.19 -8.77
N ALA B 190 -5.84 7.70 -7.80
CA ALA B 190 -5.98 9.14 -7.62
C ALA B 190 -4.75 9.60 -6.89
N GLU B 191 -3.83 10.21 -7.64
CA GLU B 191 -2.51 10.51 -7.11
C GLU B 191 -2.49 11.91 -6.52
N HIS B 192 -2.19 11.97 -5.23
CA HIS B 192 -2.17 13.25 -4.53
C HIS B 192 -0.75 13.62 -4.16
N GLY B 193 0.15 12.63 -4.15
CA GLY B 193 1.50 12.83 -3.69
C GLY B 193 2.46 13.37 -4.73
N GLN B 194 2.47 12.72 -5.89
CA GLN B 194 3.38 13.11 -6.96
C GLN B 194 2.75 14.09 -7.95
N ARG B 195 3.59 15.01 -8.43
CA ARG B 195 3.24 16.03 -9.40
C ARG B 195 3.09 15.39 -10.77
N ILE B 196 1.93 15.53 -11.41
CA ILE B 196 1.74 14.97 -12.76
C ILE B 196 2.11 16.02 -13.81
N GLU B 197 3.42 16.15 -14.06
CA GLU B 197 3.92 17.09 -15.06
C GLU B 197 5.06 16.43 -15.81
N LEU B 198 5.25 16.83 -17.06
CA LEU B 198 6.18 16.14 -17.95
C LEU B 198 7.62 16.22 -17.44
N ASP B 199 7.99 17.28 -16.73
CA ASP B 199 9.35 17.36 -16.22
C ASP B 199 9.54 16.56 -14.94
N ASN B 200 8.49 15.87 -14.49
CA ASN B 200 8.61 14.93 -13.37
C ASN B 200 8.52 13.49 -13.86
N ARG B 201 8.69 13.30 -15.17
CA ARG B 201 8.44 12.01 -15.80
C ARG B 201 9.38 10.88 -15.32
N GLU B 202 10.63 11.20 -15.00
CA GLU B 202 11.56 10.15 -14.57
C GLU B 202 11.14 9.61 -13.20
N VAL B 203 10.78 10.49 -12.28
CA VAL B 203 10.23 10.06 -11.00
C VAL B 203 8.92 9.24 -11.18
N LEU B 204 8.01 9.75 -12.00
CA LEU B 204 6.74 9.06 -12.20
C LEU B 204 6.98 7.69 -12.85
N THR B 205 7.97 7.62 -13.73
CA THR B 205 8.31 6.36 -14.38
C THR B 205 8.77 5.32 -13.35
N GLU B 206 9.69 5.69 -12.47
CA GLU B 206 10.22 4.75 -11.49
C GLU B 206 9.14 4.31 -10.51
N TYR B 207 8.30 5.26 -10.10
CA TYR B 207 7.22 5.01 -9.15
C TYR B 207 6.18 4.04 -9.70
N THR B 208 5.70 4.32 -10.91
CA THR B 208 4.67 3.49 -11.51
C THR B 208 5.23 2.14 -11.90
N TRP B 209 6.50 2.09 -12.33
CA TRP B 209 7.08 0.80 -12.65
C TRP B 209 7.21 -0.06 -11.39
N ALA B 210 7.58 0.59 -10.29
CA ALA B 210 7.69 -0.11 -9.01
C ALA B 210 6.31 -0.59 -8.60
N MET B 211 5.31 0.24 -8.89
CA MET B 211 3.94 -0.09 -8.53
C MET B 211 3.49 -1.35 -9.27
N LEU B 212 3.76 -1.41 -10.57
CA LEU B 212 3.44 -2.60 -11.35
C LEU B 212 4.09 -3.85 -10.78
N LYS B 213 5.37 -3.76 -10.44
CA LYS B 213 6.09 -4.89 -9.91
C LYS B 213 5.51 -5.28 -8.54
N ALA B 214 5.12 -4.28 -7.75
CA ALA B 214 4.54 -4.53 -6.42
C ALA B 214 3.17 -5.22 -6.51
N LEU B 215 2.35 -4.81 -7.47
CA LEU B 215 1.06 -5.47 -7.70
C LEU B 215 1.29 -6.97 -7.99
N GLU B 216 2.22 -7.25 -8.90
CA GLU B 216 2.54 -8.64 -9.26
C GLU B 216 3.01 -9.43 -8.04
N ALA B 217 3.92 -8.84 -7.27
CA ALA B 217 4.53 -9.50 -6.11
C ALA B 217 3.48 -9.81 -5.04
N GLN B 218 2.50 -8.93 -4.92
CA GLN B 218 1.48 -9.04 -3.89
C GLN B 218 0.23 -9.78 -4.38
N GLY B 219 0.29 -10.33 -5.59
CA GLY B 219 -0.78 -11.15 -6.11
C GLY B 219 -2.06 -10.40 -6.46
N ILE B 220 -1.91 -9.12 -6.77
CA ILE B 220 -3.06 -8.29 -7.12
C ILE B 220 -3.21 -8.30 -8.64
N THR B 221 -4.33 -8.85 -9.11
CA THR B 221 -4.51 -9.12 -10.53
C THR B 221 -5.87 -8.61 -10.98
N GLY B 222 -6.10 -8.72 -12.28
CA GLY B 222 -7.44 -8.57 -12.82
C GLY B 222 -8.21 -9.87 -12.67
N GLU B 223 -9.29 -9.98 -13.44
CA GLU B 223 -10.17 -11.12 -13.33
C GLU B 223 -9.42 -12.39 -13.73
N ASN B 224 -9.74 -13.48 -13.04
CA ASN B 224 -9.13 -14.78 -13.25
C ASN B 224 -7.61 -14.71 -13.35
N GLY B 225 -7.02 -13.97 -12.42
CA GLY B 225 -5.58 -13.94 -12.24
C GLY B 225 -4.80 -13.18 -13.29
N ALA B 226 -5.49 -12.43 -14.15
CA ALA B 226 -4.83 -11.74 -15.26
C ALA B 226 -3.87 -10.68 -14.74
N PRO B 227 -2.65 -10.63 -15.30
CA PRO B 227 -1.70 -9.64 -14.79
C PRO B 227 -2.17 -8.22 -15.07
N ILE B 228 -1.94 -7.31 -14.11
CA ILE B 228 -2.16 -5.88 -14.36
C ILE B 228 -0.86 -5.33 -14.94
N ASP B 229 -0.90 -4.95 -16.21
CA ASP B 229 0.34 -4.57 -16.89
C ASP B 229 0.38 -3.09 -17.26
N HIS B 230 -0.65 -2.34 -16.83
CA HIS B 230 -0.65 -0.90 -16.97
C HIS B 230 -1.05 -0.27 -15.66
N VAL B 231 -0.42 0.85 -15.33
CA VAL B 231 -0.81 1.65 -14.17
C VAL B 231 -1.10 3.04 -14.68
N GLU B 232 -2.17 3.67 -14.17
CA GLU B 232 -2.41 5.08 -14.52
C GLU B 232 -2.73 5.89 -13.28
N LEU B 233 -2.08 7.03 -13.20
CA LEU B 233 -2.24 8.00 -12.15
C LEU B 233 -3.08 9.15 -12.67
N PHE B 234 -4.00 9.64 -11.85
CA PHE B 234 -4.90 10.75 -12.19
C PHE B 234 -4.78 11.89 -11.22
N ALA B 235 -4.88 13.10 -11.77
CA ALA B 235 -4.77 14.31 -10.97
C ALA B 235 -5.66 15.36 -11.58
N ASP B 236 -6.03 16.36 -10.78
CA ASP B 236 -6.82 17.46 -11.29
C ASP B 236 -6.03 18.22 -12.33
N ASP B 237 -6.75 18.89 -13.22
CA ASP B 237 -6.15 19.71 -14.27
C ASP B 237 -6.95 20.99 -14.38
N PRO B 238 -6.27 22.12 -14.58
CA PRO B 238 -7.04 23.38 -14.61
C PRO B 238 -8.01 23.47 -15.80
N ASN B 239 -7.76 22.73 -16.87
CA ASN B 239 -8.51 22.85 -18.12
C ASN B 239 -8.81 21.52 -18.80
N ALA B 240 -9.01 20.51 -17.99
CA ALA B 240 -9.57 19.27 -18.45
C ALA B 240 -10.19 18.67 -17.21
N ASP B 241 -10.95 17.60 -17.36
CA ASP B 241 -11.52 16.97 -16.18
C ASP B 241 -10.45 16.32 -15.33
N SER B 242 -9.36 15.91 -15.98
CA SER B 242 -8.27 15.23 -15.30
C SER B 242 -7.02 15.23 -16.17
N ARG B 243 -5.86 15.00 -15.56
CA ARG B 243 -4.62 14.72 -16.29
C ARG B 243 -4.05 13.41 -15.78
N ASN B 244 -3.45 12.63 -16.66
CA ASN B 244 -2.91 11.33 -16.27
C ASN B 244 -1.45 11.11 -16.64
N PHE B 245 -0.90 10.08 -15.98
CA PHE B 245 0.38 9.50 -16.32
C PHE B 245 0.14 8.01 -16.40
N VAL B 246 0.45 7.45 -17.55
CA VAL B 246 0.14 6.07 -17.86
C VAL B 246 1.39 5.25 -18.14
N MET B 247 1.64 4.24 -17.31
CA MET B 247 2.78 3.35 -17.50
C MET B 247 2.36 2.07 -18.20
N CYS B 248 3.11 1.69 -19.22
CA CYS B 248 2.78 0.59 -20.11
C CYS B 248 3.87 -0.46 -20.08
N PRO B 249 3.59 -1.63 -20.70
CA PRO B 249 4.64 -2.64 -20.82
C PRO B 249 5.92 -2.07 -21.42
N GLY B 250 7.07 -2.63 -21.04
CA GLY B 250 8.33 -2.16 -21.58
C GLY B 250 8.87 -0.95 -20.85
N LYS B 251 8.18 -0.55 -19.78
CA LYS B 251 8.57 0.60 -18.99
C LYS B 251 8.51 1.88 -19.82
N ALA B 252 7.51 1.99 -20.68
CA ALA B 252 7.33 3.20 -21.49
C ALA B 252 6.06 3.88 -21.07
N TYR B 253 6.10 5.19 -20.81
CA TYR B 253 4.86 5.93 -20.52
C TYR B 253 4.13 6.26 -21.83
N ASP B 254 2.82 6.38 -21.76
CA ASP B 254 2.03 6.77 -22.92
C ASP B 254 2.09 8.29 -23.04
N ARG B 255 2.45 8.80 -24.22
CA ARG B 255 2.47 10.23 -24.43
C ARG B 255 1.06 10.76 -24.55
N SER B 256 0.12 9.88 -24.94
CA SER B 256 -1.30 10.25 -25.08
C SER B 256 -2.06 9.92 -23.79
N PRO B 257 -3.35 10.30 -23.74
CA PRO B 257 -4.15 9.95 -22.55
C PRO B 257 -4.43 8.46 -22.41
N CYS B 258 -4.11 7.67 -23.44
CA CYS B 258 -4.28 6.22 -23.49
C CYS B 258 -5.75 5.82 -23.70
N GLY B 259 -6.05 5.26 -24.86
CA GLY B 259 -7.44 4.94 -25.18
C GLY B 259 -8.07 3.89 -24.30
N THR B 260 -7.39 2.76 -24.16
CA THR B 260 -7.90 1.72 -23.27
C THR B 260 -7.86 2.16 -21.80
N GLY B 261 -6.86 2.95 -21.43
CA GLY B 261 -6.76 3.43 -20.06
C GLY B 261 -7.85 4.45 -19.73
N THR B 262 -8.19 5.28 -20.70
CA THR B 262 -9.28 6.23 -20.53
C THR B 262 -10.62 5.51 -20.53
N SER B 263 -10.75 4.44 -21.31
CA SER B 263 -11.96 3.61 -21.27
C SER B 263 -12.13 2.97 -19.90
N ALA B 264 -11.02 2.49 -19.31
CA ALA B 264 -11.07 1.94 -17.96
C ALA B 264 -11.44 3.01 -16.94
N LYS B 265 -10.93 4.23 -17.11
CA LYS B 265 -11.31 5.33 -16.26
C LYS B 265 -12.81 5.64 -16.39
N LEU B 266 -13.33 5.68 -17.61
CA LEU B 266 -14.77 5.92 -17.79
C LEU B 266 -15.57 4.86 -17.06
N ALA B 267 -15.10 3.61 -17.08
CA ALA B 267 -15.83 2.55 -16.39
C ALA B 267 -15.92 2.82 -14.89
N CYS B 268 -14.83 3.30 -14.30
CA CYS B 268 -14.81 3.62 -12.89
C CYS B 268 -15.69 4.82 -12.58
N LEU B 269 -15.58 5.87 -13.39
CA LEU B 269 -16.42 7.04 -13.23
C LEU B 269 -17.91 6.68 -13.32
N ALA B 270 -18.26 5.80 -14.24
CA ALA B 270 -19.64 5.40 -14.43
C ALA B 270 -20.13 4.66 -13.20
N ALA B 271 -19.30 3.75 -12.70
CA ALA B 271 -19.68 2.94 -11.57
C ALA B 271 -19.89 3.79 -10.31
N ASP B 272 -19.12 4.86 -10.17
CA ASP B 272 -19.27 5.74 -9.02
C ASP B 272 -20.32 6.84 -9.23
N GLY B 273 -20.85 6.95 -10.44
CA GLY B 273 -21.79 8.01 -10.78
C GLY B 273 -21.16 9.38 -11.02
N THR B 274 -19.83 9.42 -11.06
CA THR B 274 -19.11 10.70 -11.19
C THR B 274 -19.37 11.36 -12.54
N LEU B 275 -19.54 10.53 -13.56
CA LEU B 275 -19.81 10.98 -14.90
C LEU B 275 -21.13 10.35 -15.33
N ALA B 276 -22.02 11.20 -15.82
CA ALA B 276 -23.35 10.76 -16.30
C ALA B 276 -23.25 10.12 -17.68
N GLU B 277 -24.20 9.24 -17.97
CA GLU B 277 -24.26 8.63 -19.29
C GLU B 277 -24.43 9.74 -20.33
N GLY B 278 -23.60 9.68 -21.36
CA GLY B 278 -23.68 10.63 -22.47
C GLY B 278 -22.90 11.91 -22.28
N GLN B 279 -22.43 12.13 -21.05
N GLN B 279 -22.42 12.15 -21.07
CA GLN B 279 -21.64 13.30 -20.65
CA GLN B 279 -21.65 13.36 -20.82
C GLN B 279 -20.20 13.11 -21.16
C GLN B 279 -20.21 13.12 -21.21
N THR B 280 -19.57 14.19 -21.64
CA THR B 280 -18.20 14.13 -22.10
C THR B 280 -17.20 14.35 -20.99
N TRP B 281 -16.18 13.48 -20.97
CA TRP B 281 -15.05 13.59 -20.09
C TRP B 281 -13.84 13.97 -20.95
N VAL B 282 -13.12 15.00 -20.53
CA VAL B 282 -11.90 15.46 -21.22
C VAL B 282 -10.70 15.02 -20.39
N GLN B 283 -9.92 14.11 -20.95
CA GLN B 283 -8.73 13.58 -20.30
C GLN B 283 -7.48 14.14 -20.97
N ALA B 284 -6.69 14.87 -20.19
CA ALA B 284 -5.40 15.34 -20.63
C ALA B 284 -4.33 14.30 -20.28
N SER B 285 -3.26 14.30 -21.07
CA SER B 285 -2.13 13.41 -20.88
C SER B 285 -0.97 14.14 -20.25
N ILE B 286 0.10 13.39 -19.99
CA ILE B 286 1.32 13.96 -19.44
C ILE B 286 1.92 15.00 -20.38
N THR B 287 1.68 14.89 -21.68
CA THR B 287 2.26 15.84 -22.64
C THR B 287 1.32 17.01 -22.94
N GLY B 288 0.14 17.00 -22.35
CA GLY B 288 -0.84 18.05 -22.59
C GLY B 288 -1.74 17.82 -23.77
N SER B 289 -1.62 16.67 -24.44
CA SER B 289 -2.60 16.27 -25.42
C SER B 289 -3.88 15.84 -24.71
N GLN B 290 -4.99 15.80 -25.44
CA GLN B 290 -6.29 15.43 -24.88
C GLN B 290 -7.08 14.46 -25.74
N PHE B 291 -7.84 13.62 -25.05
CA PHE B 291 -8.91 12.82 -25.64
C PHE B 291 -10.21 13.23 -24.95
N HIS B 292 -11.31 12.98 -25.65
N HIS B 292 -11.33 13.05 -25.63
CA HIS B 292 -12.65 13.15 -25.13
CA HIS B 292 -12.61 13.20 -24.94
C HIS B 292 -13.25 11.75 -25.03
C HIS B 292 -13.46 11.95 -25.10
N GLY B 293 -14.02 11.48 -23.99
CA GLY B 293 -14.70 10.20 -23.91
C GLY B 293 -16.11 10.32 -23.38
N ARG B 294 -16.94 9.35 -23.73
CA ARG B 294 -18.29 9.24 -23.18
C ARG B 294 -18.63 7.77 -23.16
N TYR B 295 -19.69 7.39 -22.45
CA TYR B 295 -20.08 5.99 -22.36
C TYR B 295 -21.58 5.79 -22.40
N GLU B 296 -21.95 4.56 -22.74
CA GLU B 296 -23.30 4.05 -22.60
C GLU B 296 -23.24 2.82 -21.71
N ARG B 297 -24.27 2.59 -20.89
CA ARG B 297 -24.24 1.45 -19.98
C ARG B 297 -24.66 0.18 -20.67
N ASP B 298 -24.10 -0.94 -20.23
CA ASP B 298 -24.45 -2.22 -20.84
C ASP B 298 -24.22 -3.33 -19.82
N GLY B 299 -25.24 -3.60 -19.01
CA GLY B 299 -25.12 -4.54 -17.92
C GLY B 299 -24.20 -3.98 -16.85
N GLU B 300 -23.20 -4.77 -16.48
CA GLU B 300 -22.21 -4.36 -15.50
C GLU B 300 -21.04 -3.70 -16.16
N ARG B 301 -21.13 -3.56 -17.48
CA ARG B 301 -20.05 -2.95 -18.25
C ARG B 301 -20.52 -1.65 -18.87
N ILE B 302 -19.59 -0.98 -19.54
CA ILE B 302 -19.92 0.17 -20.36
C ILE B 302 -19.38 0.03 -21.76
N ARG B 303 -20.06 0.70 -22.69
CA ARG B 303 -19.56 0.91 -24.04
C ARG B 303 -18.89 2.27 -24.09
N PRO B 304 -17.55 2.32 -24.18
CA PRO B 304 -16.86 3.62 -24.20
C PRO B 304 -16.59 4.07 -25.62
N PHE B 305 -16.64 5.37 -25.83
CA PHE B 305 -16.33 6.00 -27.11
C PHE B 305 -15.26 7.04 -26.88
N ILE B 306 -14.10 6.85 -27.50
CA ILE B 306 -12.93 7.67 -27.24
C ILE B 306 -12.61 8.44 -28.49
N THR B 307 -12.59 9.77 -28.38
CA THR B 307 -12.31 10.64 -29.52
C THR B 307 -10.96 11.31 -29.37
N GLY B 308 -10.17 11.25 -30.44
CA GLY B 308 -8.92 11.95 -30.49
C GLY B 308 -8.56 12.32 -31.91
N ARG B 309 -7.34 12.82 -32.08
CA ARG B 309 -6.87 13.30 -33.38
C ARG B 309 -5.49 12.75 -33.61
N ALA B 310 -5.19 12.53 -34.88
CA ALA B 310 -3.81 12.21 -35.25
C ALA B 310 -3.30 13.24 -36.25
N HIS B 311 -1.98 13.44 -36.26
CA HIS B 311 -1.33 14.36 -37.18
C HIS B 311 -0.20 13.64 -37.88
N MET B 312 -0.05 13.89 -39.17
CA MET B 312 1.03 13.29 -39.95
C MET B 312 2.34 13.89 -39.52
N THR B 313 3.41 13.07 -39.49
CA THR B 313 4.72 13.57 -39.12
C THR B 313 5.83 13.22 -40.14
N ALA B 314 5.63 12.20 -40.96
CA ALA B 314 6.60 11.86 -42.01
C ALA B 314 6.00 10.97 -43.07
N ASP B 315 6.47 11.13 -44.30
CA ASP B 315 6.20 10.24 -45.44
C ASP B 315 7.58 9.74 -45.78
N SER B 316 7.80 8.44 -45.56
N SER B 316 7.83 8.45 -45.54
CA SER B 316 9.13 7.87 -45.65
CA SER B 316 9.18 7.91 -45.52
C SER B 316 9.24 6.61 -46.49
C SER B 316 9.33 6.56 -46.24
N THR B 317 10.46 6.41 -46.94
CA THR B 317 10.87 5.17 -47.52
C THR B 317 11.97 4.62 -46.62
N LEU B 318 11.62 3.63 -45.78
CA LEU B 318 12.64 2.97 -45.02
C LEU B 318 13.52 2.20 -45.99
N LEU B 319 14.82 2.14 -45.69
CA LEU B 319 15.82 1.54 -46.57
C LEU B 319 16.56 0.47 -45.82
N ILE B 320 16.62 -0.72 -46.41
CA ILE B 320 17.27 -1.87 -45.81
C ILE B 320 18.51 -2.20 -46.66
N ASP B 321 19.69 -1.93 -46.13
CA ASP B 321 20.96 -2.25 -46.78
C ASP B 321 21.33 -3.68 -46.40
N GLU B 322 21.27 -4.61 -47.35
CA GLU B 322 21.37 -6.01 -46.90
C GLU B 322 22.79 -6.37 -46.46
N GLN B 323 23.76 -5.49 -46.73
CA GLN B 323 25.12 -5.66 -46.21
C GLN B 323 25.32 -5.14 -44.77
N ASP B 324 24.30 -4.51 -44.19
CA ASP B 324 24.36 -3.96 -42.82
C ASP B 324 23.99 -5.05 -41.81
N PRO B 325 24.92 -5.41 -40.89
CA PRO B 325 24.53 -6.38 -39.87
C PRO B 325 23.31 -5.94 -39.06
N PHE B 326 23.02 -4.65 -39.01
CA PHE B 326 21.83 -4.15 -38.30
C PHE B 326 20.66 -3.83 -39.23
N ALA B 327 20.71 -4.33 -40.46
CA ALA B 327 19.65 -4.09 -41.46
C ALA B 327 18.25 -4.33 -40.93
N TRP B 328 18.10 -5.42 -40.17
CA TRP B 328 16.78 -5.87 -39.71
C TRP B 328 16.59 -5.55 -38.24
N GLY B 329 17.33 -4.56 -37.77
CA GLY B 329 17.24 -4.13 -36.40
C GLY B 329 18.31 -4.70 -35.50
N ILE B 330 18.61 -4.00 -34.42
CA ILE B 330 19.55 -4.45 -33.40
C ILE B 330 18.85 -5.38 -32.43
S SO4 C . 14.97 -17.33 8.01
O1 SO4 C . 13.81 -17.86 7.29
O2 SO4 C . 15.32 -16.05 7.42
O3 SO4 C . 14.66 -17.24 9.44
O4 SO4 C . 16.10 -18.26 7.88
S SO4 D . 0.68 -2.40 28.48
O1 SO4 D . -0.10 -3.53 27.97
O2 SO4 D . 0.88 -1.44 27.42
O3 SO4 D . 0.15 -2.02 29.76
O4 SO4 D . 2.03 -2.87 28.83
S SO4 E . 20.76 -16.61 5.05
O1 SO4 E . 21.32 -17.95 4.86
O2 SO4 E . 21.02 -15.80 3.86
O3 SO4 E . 19.32 -16.70 5.25
O4 SO4 E . 21.39 -16.00 6.22
S SO4 F . -14.74 10.01 17.82
O1 SO4 F . -16.14 10.11 17.41
O2 SO4 F . -14.07 11.29 17.68
O3 SO4 F . -14.69 9.63 19.23
O4 SO4 F . -14.08 9.01 16.99
S SO4 G . 18.55 13.26 35.81
O1 SO4 G . 19.27 12.23 35.05
O2 SO4 G . 18.04 14.29 34.90
O3 SO4 G . 17.42 12.65 36.51
O4 SO4 G . 19.45 13.86 36.78
S SO4 H . 17.10 2.99 33.16
O1 SO4 H . 16.57 3.02 31.78
O2 SO4 H . 17.24 4.36 33.67
O3 SO4 H . 16.20 2.19 34.02
O4 SO4 H . 18.42 2.34 33.11
S SO4 I . 11.88 -0.90 59.67
O1 SO4 I . 10.66 -1.73 59.67
O2 SO4 I . 11.87 0.13 58.62
O3 SO4 I . 11.94 -0.22 60.97
O4 SO4 I . 13.08 -1.77 59.54
S SO4 J . 10.65 -12.65 -46.52
O1 SO4 J . 9.48 -13.13 -47.27
O2 SO4 J . 11.06 -11.38 -47.08
O3 SO4 J . 10.24 -12.54 -45.12
O4 SO4 J . 11.78 -13.59 -46.65
S SO4 K . -4.71 2.31 -26.86
O1 SO4 K . -4.90 0.93 -27.35
O2 SO4 K . -6.06 2.89 -26.93
O3 SO4 K . -4.38 2.27 -25.45
O4 SO4 K . -3.98 3.14 -27.79
S SO4 L . 16.81 -11.83 -49.18
O1 SO4 L . 15.37 -11.92 -49.42
O2 SO4 L . 17.37 -10.88 -50.12
O3 SO4 L . 17.09 -11.40 -47.81
O4 SO4 L . 17.44 -13.14 -49.38
S SO4 M . 4.40 -12.18 -29.69
O1 SO4 M . 5.41 -12.71 -30.61
O2 SO4 M . 3.38 -11.47 -30.46
O3 SO4 M . 3.75 -13.25 -28.94
O4 SO4 M . 5.02 -11.24 -28.76
S SO4 N . -19.72 14.82 -37.73
O1 SO4 N . -21.08 14.96 -38.28
O2 SO4 N . -18.99 16.10 -37.64
O3 SO4 N . -19.85 14.31 -36.36
O4 SO4 N . -18.95 13.91 -38.57
S SO4 O . -15.40 2.35 -46.62
O1 SO4 O . -15.63 1.03 -47.21
O2 SO4 O . -14.08 2.83 -47.01
O3 SO4 O . -16.43 3.30 -47.07
O4 SO4 O . -15.49 2.24 -45.17
S SO4 P . -15.82 -11.61 -21.78
O1 SO4 P . -17.28 -11.74 -21.79
O2 SO4 P . -15.46 -10.32 -22.38
O3 SO4 P . -15.35 -11.68 -20.39
O4 SO4 P . -15.21 -12.68 -22.57
#